data_9BHZ
#
_entry.id   9BHZ
#
_cell.length_a   56.329
_cell.length_b   74.170
_cell.length_c   75.557
_cell.angle_alpha   85.05
_cell.angle_beta   69.91
_cell.angle_gamma   70.09
#
_symmetry.space_group_name_H-M   'P 1'
#
loop_
_entity.id
_entity.type
_entity.pdbx_description
1 polymer '2,3-dihydroxybenzoate-AMP ligase'
2 non-polymer "5'-O-[(2-hydroxybenzoyl)sulfamoyl]adenosine"
3 non-polymer 1,2-ETHANEDIOL
4 water water
#
_entity_poly.entity_id   1
_entity_poly.type   'polypeptide(L)'
_entity_poly.pdbx_seq_one_letter_code
;MGSSHHHHHHSSGLVPRGSHMASMTGGQQMGRGSIMFIEQDIQLGYVPFPKSRAQQYRDEGCWKSQTHFQLLASLKDRFA
QRVAVIQDDKQLTYQQLYDYAIHYGTYLKQQGIRETDFVLLQSPNVIEVFIVIFGLYAIGARPVFCLHGHGSYEIENIAR
QSRAVGFLKLCGSANESTATDVCEEFSKPNFKLWFRESIVSRSSIEASLPQLQGVAPAFNLRAQSESEDIAFLQLSGGTT
GLPKLIPRTHADYIYSIEKSVDVAGLTQDTKQLVVLPVMHNFCMSSPGFLGVFYVGGTVVLSQLTHPRVCFELIEKYQIQ
QVSLVPAIATLWLNAESLKDYDLSSLQVVQVGGAKLLPSLAEQIIDTLQVKLQQVYGMAEGLVNFTHLDDSDQITIQTQG
KKLSHLDEIRIADQDGNALPINAIGHIQTRGPYTINGYYNLPEINQRAFTQDGFYKTGDIGYLDENLNIVVTGREKEQIN
RSGEKITPSEIEEFILQYPSVKDVCVIGVSDDYLGERIKAIIIPKLDDSEINLKNIRKFLISKNIAHFKIPDEIEVVADF
KYTHVGKVNRQKLG
;
_entity_poly.pdbx_strand_id   A,B
#
# COMPACT_ATOMS: atom_id res chain seq x y z
N MET A 36 14.72 -1.22 11.14
CA MET A 36 16.05 -1.21 10.50
C MET A 36 17.04 -0.43 11.35
N PHE A 37 16.70 0.85 11.45
CA PHE A 37 17.41 1.83 12.24
C PHE A 37 16.95 1.86 13.68
N ILE A 38 16.09 0.94 14.10
CA ILE A 38 15.61 0.98 15.47
C ILE A 38 16.77 0.77 16.46
N GLU A 39 17.81 0.06 16.06
CA GLU A 39 18.96 -0.10 16.94
C GLU A 39 19.55 1.26 17.32
N GLN A 40 19.85 2.10 16.32
CA GLN A 40 20.42 3.42 16.59
C GLN A 40 19.44 4.29 17.36
N ASP A 41 18.16 4.29 16.95
CA ASP A 41 17.16 5.16 17.57
C ASP A 41 17.03 4.90 19.06
N ILE A 42 16.95 3.62 19.44
CA ILE A 42 16.92 3.29 20.86
C ILE A 42 18.10 3.95 21.58
N GLN A 43 19.29 3.88 20.99
CA GLN A 43 20.43 4.54 21.64
C GLN A 43 20.34 6.06 21.61
N LEU A 44 19.45 6.63 20.80
CA LEU A 44 19.29 8.07 20.71
C LEU A 44 18.12 8.61 21.52
N GLY A 45 17.36 7.76 22.20
CA GLY A 45 16.30 8.22 23.07
C GLY A 45 14.94 7.58 22.82
N TYR A 46 14.83 6.84 21.73
CA TYR A 46 13.55 6.21 21.39
C TYR A 46 13.21 5.10 22.39
N VAL A 47 11.98 5.08 22.88
CA VAL A 47 11.51 3.95 23.66
C VAL A 47 10.55 3.14 22.80
N PRO A 48 10.85 1.88 22.50
CA PRO A 48 10.02 1.11 21.57
C PRO A 48 8.86 0.40 22.26
N PHE A 49 7.96 -0.12 21.44
CA PHE A 49 6.94 -1.03 21.93
C PHE A 49 7.59 -2.32 22.46
N PRO A 50 7.16 -2.82 23.64
CA PRO A 50 7.65 -4.12 24.11
C PRO A 50 7.37 -5.24 23.12
N LYS A 51 8.36 -6.12 22.95
CA LYS A 51 8.34 -7.12 21.89
C LYS A 51 7.02 -7.89 21.84
N SER A 52 6.48 -8.26 23.01
CA SER A 52 5.26 -9.07 23.01
C SER A 52 4.06 -8.26 22.51
N ARG A 53 3.91 -7.02 23.01
CA ARG A 53 2.81 -6.16 22.56
C ARG A 53 2.90 -5.88 21.07
N ALA A 54 4.11 -5.60 20.58
CA ALA A 54 4.29 -5.36 19.15
C ALA A 54 3.82 -6.54 18.32
N GLN A 55 4.14 -7.76 18.75
CA GLN A 55 3.76 -8.93 17.96
C GLN A 55 2.23 -9.05 17.90
N GLN A 56 1.58 -8.75 19.02
CA GLN A 56 0.13 -8.81 19.06
C GLN A 56 -0.50 -7.80 18.12
N TYR A 57 0.03 -6.56 18.11
CA TYR A 57 -0.49 -5.56 17.19
C TYR A 57 -0.22 -5.93 15.74
N ARG A 58 0.82 -6.72 15.48
CA ARG A 58 1.01 -7.29 14.13
C ARG A 58 -0.07 -8.33 13.82
N ASP A 59 -0.23 -9.33 14.69
CA ASP A 59 -1.08 -10.47 14.37
C ASP A 59 -2.56 -10.11 14.33
N GLU A 60 -3.00 -9.19 15.18
CA GLU A 60 -4.41 -8.83 15.17
C GLU A 60 -4.76 -7.85 14.05
N GLY A 61 -3.79 -7.47 13.23
CA GLY A 61 -4.08 -6.66 12.07
C GLY A 61 -4.27 -5.20 12.39
N CYS A 62 -3.45 -4.64 13.28
CA CYS A 62 -3.40 -3.20 13.55
C CYS A 62 -2.30 -2.52 12.76
N TRP A 63 -1.04 -2.91 13.02
CA TRP A 63 0.10 -2.40 12.28
C TRP A 63 0.17 -3.04 10.91
N LYS A 64 0.24 -2.22 9.87
CA LYS A 64 0.42 -2.75 8.53
C LYS A 64 1.84 -2.43 8.04
N SER A 65 2.06 -2.62 6.74
CA SER A 65 3.40 -2.67 6.17
C SER A 65 3.67 -1.51 5.22
N GLN A 66 2.99 -0.38 5.41
CA GLN A 66 3.15 0.78 4.53
C GLN A 66 3.75 1.92 5.31
N THR A 67 4.78 2.53 4.75
CA THR A 67 5.25 3.81 5.25
C THR A 67 4.30 4.92 4.78
N HIS A 68 4.48 6.11 5.34
CA HIS A 68 3.70 7.27 4.88
C HIS A 68 3.87 7.47 3.38
N PHE A 69 5.07 7.30 2.89
CA PHE A 69 5.25 7.59 1.47
C PHE A 69 4.68 6.48 0.59
N GLN A 70 4.84 5.22 1.02
CA GLN A 70 4.24 4.11 0.25
C GLN A 70 2.72 4.20 0.26
N LEU A 71 2.14 4.69 1.35
CA LEU A 71 0.72 4.95 1.37
C LEU A 71 0.36 6.01 0.33
N LEU A 72 1.16 7.07 0.24
CA LEU A 72 0.88 8.10 -0.76
C LEU A 72 0.99 7.53 -2.18
N ALA A 73 2.02 6.74 -2.45
CA ALA A 73 2.18 6.11 -3.75
C ALA A 73 0.95 5.28 -4.12
N SER A 74 0.32 4.63 -3.14
CA SER A 74 -0.86 3.84 -3.43
C SER A 74 -2.11 4.71 -3.60
N LEU A 75 -2.20 5.82 -2.84
CA LEU A 75 -3.28 6.78 -3.08
C LEU A 75 -3.19 7.35 -4.48
N LYS A 76 -1.98 7.70 -4.92
CA LYS A 76 -1.81 8.13 -6.30
C LYS A 76 -2.18 7.02 -7.27
N ASP A 77 -2.02 5.75 -6.85
CA ASP A 77 -2.35 4.65 -7.73
C ASP A 77 -3.86 4.58 -7.95
N ARG A 78 -4.63 4.78 -6.88
CA ARG A 78 -6.08 4.63 -6.86
C ARG A 78 -6.82 5.91 -7.21
N PHE A 79 -6.30 7.07 -6.79
CA PHE A 79 -7.06 8.32 -6.87
C PHE A 79 -6.33 9.41 -7.69
N ALA A 80 -5.43 9.01 -8.58
CA ALA A 80 -4.56 9.91 -9.32
C ALA A 80 -5.16 11.27 -9.65
N GLN A 81 -6.24 11.30 -10.45
CA GLN A 81 -6.76 12.56 -10.96
C GLN A 81 -7.81 13.20 -10.04
N ARG A 82 -8.06 12.63 -8.87
CA ARG A 82 -8.92 13.32 -7.92
C ARG A 82 -8.15 14.48 -7.27
N VAL A 83 -8.90 15.51 -6.89
CA VAL A 83 -8.33 16.66 -6.21
C VAL A 83 -8.10 16.27 -4.76
N ALA A 84 -6.85 16.35 -4.31
CA ALA A 84 -6.53 16.05 -2.92
C ALA A 84 -6.66 17.28 -2.04
N VAL A 85 -6.30 18.45 -2.56
CA VAL A 85 -6.18 19.66 -1.74
C VAL A 85 -6.47 20.87 -2.60
N ILE A 86 -7.19 21.83 -2.00
CA ILE A 86 -7.54 23.10 -2.62
C ILE A 86 -7.20 24.22 -1.66
N GLN A 87 -6.58 25.29 -2.17
CA GLN A 87 -6.29 26.46 -1.35
C GLN A 87 -6.23 27.72 -2.20
N ASP A 88 -7.27 28.55 -2.12
CA ASP A 88 -7.41 29.76 -2.97
C ASP A 88 -7.50 29.28 -4.41
N ASP A 89 -6.70 29.80 -5.33
CA ASP A 89 -6.75 29.38 -6.72
C ASP A 89 -5.83 28.21 -7.01
N LYS A 90 -5.25 27.60 -5.97
CA LYS A 90 -4.31 26.49 -6.10
C LYS A 90 -4.96 25.19 -5.68
N GLN A 91 -4.51 24.10 -6.31
CA GLN A 91 -5.03 22.78 -5.99
C GLN A 91 -4.04 21.73 -6.46
N LEU A 92 -4.11 20.58 -5.81
CA LEU A 92 -3.27 19.43 -6.14
C LEU A 92 -4.19 18.23 -6.28
N THR A 93 -4.05 17.51 -7.39
CA THR A 93 -4.55 16.15 -7.39
C THR A 93 -3.60 15.23 -6.63
N TYR A 94 -4.07 14.02 -6.35
CA TYR A 94 -3.18 13.06 -5.73
C TYR A 94 -1.95 12.83 -6.59
N GLN A 95 -2.12 12.88 -7.90
CA GLN A 95 -0.98 12.66 -8.79
C GLN A 95 0.04 13.77 -8.65
N GLN A 96 -0.43 15.04 -8.68
CA GLN A 96 0.46 16.19 -8.55
C GLN A 96 1.17 16.22 -7.20
N LEU A 97 0.44 15.90 -6.13
CA LEU A 97 1.08 15.84 -4.83
C LEU A 97 2.24 14.86 -4.83
N TYR A 98 2.01 13.65 -5.38
CA TYR A 98 3.07 12.64 -5.47
C TYR A 98 4.24 13.15 -6.28
N ASP A 99 3.97 13.75 -7.45
CA ASP A 99 5.07 14.26 -8.27
C ASP A 99 5.85 15.34 -7.53
N TYR A 100 5.17 16.41 -7.07
CA TYR A 100 5.85 17.48 -6.35
C TYR A 100 6.63 16.96 -5.18
N ALA A 101 6.04 16.03 -4.42
CA ALA A 101 6.76 15.43 -3.30
C ALA A 101 8.03 14.75 -3.79
N ILE A 102 7.92 13.93 -4.84
CA ILE A 102 9.10 13.29 -5.40
C ILE A 102 10.10 14.35 -5.82
N HIS A 103 9.62 15.41 -6.47
CA HIS A 103 10.53 16.43 -6.96
C HIS A 103 11.22 17.15 -5.79
N TYR A 104 10.50 17.35 -4.69
CA TYR A 104 11.06 18.08 -3.55
C TYR A 104 11.96 17.19 -2.72
N GLY A 105 11.58 15.92 -2.53
CA GLY A 105 12.49 14.94 -1.95
C GLY A 105 13.81 14.89 -2.70
N THR A 106 13.76 14.91 -4.03
CA THR A 106 15.01 14.89 -4.79
C THR A 106 15.84 16.13 -4.48
N TYR A 107 15.18 17.30 -4.47
CA TYR A 107 15.83 18.52 -4.01
C TYR A 107 16.48 18.31 -2.65
N LEU A 108 15.69 17.92 -1.65
CA LEU A 108 16.23 17.74 -0.30
C LEU A 108 17.46 16.84 -0.31
N LYS A 109 17.39 15.73 -1.04
CA LYS A 109 18.51 14.81 -1.12
C LYS A 109 19.74 15.52 -1.67
N GLN A 110 19.53 16.34 -2.71
CA GLN A 110 20.63 17.06 -3.33
C GLN A 110 21.26 18.06 -2.36
N GLN A 111 20.46 18.67 -1.49
CA GLN A 111 20.98 19.61 -0.50
C GLN A 111 21.64 18.92 0.70
N GLY A 112 21.66 17.59 0.72
CA GLY A 112 22.37 16.87 1.75
C GLY A 112 21.51 16.31 2.86
N ILE A 113 20.21 16.39 2.75
CA ILE A 113 19.33 15.78 3.73
C ILE A 113 19.29 14.28 3.50
N ARG A 114 19.24 13.50 4.58
CA ARG A 114 19.43 12.06 4.49
C ARG A 114 18.42 11.32 5.36
N GLU A 115 18.31 10.01 5.09
CA GLU A 115 17.33 9.19 5.79
C GLU A 115 17.63 9.13 7.30
N THR A 116 16.56 9.12 8.09
CA THR A 116 16.54 9.14 9.56
C THR A 116 16.93 10.49 10.18
N ASP A 117 17.43 11.43 9.38
CA ASP A 117 17.61 12.81 9.84
C ASP A 117 16.30 13.43 10.34
N PHE A 118 16.34 14.21 11.42
CA PHE A 118 15.18 14.99 11.84
C PHE A 118 15.24 16.39 11.24
N VAL A 119 14.13 16.81 10.63
CA VAL A 119 14.00 18.15 10.06
C VAL A 119 12.80 18.84 10.70
N LEU A 120 13.03 19.99 11.34
CA LEU A 120 11.93 20.75 11.94
C LEU A 120 11.05 21.35 10.84
N LEU A 121 9.74 21.17 10.98
CA LEU A 121 8.80 21.73 10.01
C LEU A 121 7.86 22.69 10.73
N GLN A 122 7.86 23.96 10.29
CA GLN A 122 6.94 24.98 10.81
C GLN A 122 6.23 25.63 9.62
N SER A 123 4.90 25.60 9.65
CA SER A 123 4.16 26.03 8.48
C SER A 123 2.75 26.48 8.85
N PRO A 124 2.23 27.52 8.23
CA PRO A 124 0.81 27.85 8.39
C PRO A 124 -0.05 26.98 7.48
N ASN A 125 -1.35 27.28 7.35
CA ASN A 125 -2.25 26.42 6.59
C ASN A 125 -2.14 26.80 5.11
N VAL A 126 -1.04 26.34 4.48
CA VAL A 126 -0.77 26.61 3.08
C VAL A 126 -0.55 25.29 2.33
N ILE A 127 -0.79 25.33 1.03
CA ILE A 127 -0.88 24.08 0.28
C ILE A 127 0.47 23.44 0.05
N GLU A 128 1.54 24.23 -0.04
CA GLU A 128 2.89 23.70 -0.17
C GLU A 128 3.34 22.90 1.04
N VAL A 129 2.63 22.98 2.17
CA VAL A 129 2.99 22.16 3.32
C VAL A 129 2.89 20.68 2.96
N PHE A 130 1.86 20.30 2.20
CA PHE A 130 1.71 18.90 1.87
C PHE A 130 2.84 18.41 0.96
N ILE A 131 3.45 19.29 0.16
CA ILE A 131 4.56 18.90 -0.69
C ILE A 131 5.81 18.67 0.14
N VAL A 132 6.02 19.52 1.14
CA VAL A 132 7.21 19.41 1.99
C VAL A 132 7.11 18.22 2.94
N ILE A 133 5.91 17.86 3.39
CA ILE A 133 5.78 16.72 4.30
C ILE A 133 6.11 15.43 3.59
N PHE A 134 5.46 15.18 2.46
CA PHE A 134 5.72 13.95 1.73
C PHE A 134 7.06 13.96 1.02
N GLY A 135 7.58 15.14 0.69
CA GLY A 135 8.97 15.20 0.24
C GLY A 135 9.94 14.69 1.29
N LEU A 136 9.73 15.05 2.56
CA LEU A 136 10.55 14.46 3.63
C LEU A 136 10.34 12.95 3.73
N TYR A 137 9.09 12.50 3.66
CA TYR A 137 8.81 11.07 3.76
C TYR A 137 9.40 10.30 2.59
N ALA A 138 9.53 10.95 1.42
CA ALA A 138 10.02 10.28 0.22
C ALA A 138 11.47 9.84 0.36
N ILE A 139 12.29 10.58 1.11
CA ILE A 139 13.69 10.19 1.30
C ILE A 139 13.92 9.58 2.68
N GLY A 140 12.86 9.29 3.42
CA GLY A 140 13.01 8.73 4.74
C GLY A 140 13.39 9.72 5.83
N ALA A 141 13.46 11.01 5.53
CA ALA A 141 13.71 11.98 6.60
C ALA A 141 12.52 12.03 7.52
N ARG A 142 12.75 12.50 8.73
CA ARG A 142 11.67 12.51 9.71
C ARG A 142 11.27 13.93 10.09
N PRO A 143 10.05 14.35 9.76
CA PRO A 143 9.57 15.65 10.20
C PRO A 143 9.44 15.73 11.71
N VAL A 144 9.62 16.94 12.22
CA VAL A 144 9.33 17.32 13.60
C VAL A 144 8.34 18.47 13.50
N PHE A 145 7.06 18.19 13.78
CA PHE A 145 5.96 19.09 13.46
C PHE A 145 5.87 20.21 14.51
N CYS A 146 6.12 21.44 14.10
CA CYS A 146 6.10 22.57 15.02
C CYS A 146 4.93 23.47 14.70
N LEU A 147 4.08 23.71 15.69
CA LEU A 147 2.95 24.60 15.50
C LEU A 147 3.45 25.93 14.95
N HIS A 148 2.74 26.46 13.96
CA HIS A 148 2.93 27.85 13.59
C HIS A 148 2.62 28.75 14.79
N GLY A 149 3.63 29.49 15.25
CA GLY A 149 3.43 30.32 16.42
C GLY A 149 4.51 30.14 17.48
N HIS A 150 5.05 28.92 17.58
CA HIS A 150 6.22 28.71 18.45
C HIS A 150 7.31 29.69 18.08
N GLY A 151 7.81 30.42 19.07
CA GLY A 151 8.89 31.36 18.85
C GLY A 151 10.23 30.65 18.70
N SER A 152 11.28 31.47 18.67
CA SER A 152 12.64 30.95 18.51
C SER A 152 13.11 30.27 19.78
N TYR A 153 12.57 30.69 20.92
CA TYR A 153 12.87 30.02 22.18
C TYR A 153 12.47 28.55 22.13
N GLU A 154 11.30 28.25 21.58
CA GLU A 154 10.85 26.86 21.45
C GLU A 154 11.63 26.12 20.36
N ILE A 155 11.71 26.72 19.16
CA ILE A 155 12.42 26.09 18.06
C ILE A 155 13.81 25.66 18.52
N GLU A 156 14.51 26.56 19.25
CA GLU A 156 15.88 26.29 19.70
C GLU A 156 15.94 25.03 20.55
N ASN A 157 15.11 24.95 21.60
CA ASN A 157 15.09 23.73 22.40
C ASN A 157 14.69 22.51 21.58
N ILE A 158 13.62 22.64 20.77
CA ILE A 158 13.17 21.52 19.94
C ILE A 158 14.30 21.02 19.05
N ALA A 159 15.07 21.95 18.46
CA ALA A 159 16.14 21.57 17.55
C ALA A 159 17.23 20.79 18.27
N ARG A 160 17.60 21.21 19.49
CA ARG A 160 18.64 20.51 20.24
C ARG A 160 18.15 19.15 20.73
N GLN A 161 16.96 19.11 21.34
CA GLN A 161 16.47 17.87 21.95
C GLN A 161 16.32 16.76 20.91
N SER A 162 16.02 17.13 19.66
CA SER A 162 15.79 16.18 18.60
C SER A 162 17.03 15.94 17.75
N ARG A 163 18.09 16.73 17.94
CA ARG A 163 19.28 16.65 17.13
C ARG A 163 18.99 16.86 15.65
N ALA A 164 17.94 17.63 15.36
CA ALA A 164 17.57 17.89 13.98
C ALA A 164 18.76 18.45 13.20
N VAL A 165 18.76 18.16 11.90
CA VAL A 165 19.75 18.73 11.00
C VAL A 165 19.17 19.83 10.15
N GLY A 166 17.86 19.98 10.10
CA GLY A 166 17.23 20.96 9.23
C GLY A 166 16.11 21.70 9.93
N PHE A 167 15.89 22.94 9.48
CA PHE A 167 14.71 23.71 9.84
C PHE A 167 14.08 24.25 8.56
N LEU A 168 12.83 23.82 8.32
CA LEU A 168 12.03 24.23 7.17
C LEU A 168 10.86 25.08 7.64
N LYS A 169 10.85 26.35 7.29
CA LYS A 169 9.77 27.24 7.73
C LYS A 169 8.99 27.70 6.52
N LEU A 170 7.73 27.29 6.45
CA LEU A 170 6.81 27.79 5.43
C LEU A 170 6.18 29.07 5.94
N CYS A 171 6.09 30.07 5.08
CA CYS A 171 5.56 31.38 5.40
C CYS A 171 4.38 31.70 4.50
N GLY A 172 3.32 32.27 5.08
CA GLY A 172 2.19 32.71 4.31
C GLY A 172 2.43 34.00 3.53
N SER A 173 3.55 34.68 3.78
CA SER A 173 3.86 35.94 3.12
C SER A 173 5.35 36.23 3.31
N ALA A 174 5.87 37.14 2.49
CA ALA A 174 7.28 37.51 2.54
C ALA A 174 7.64 38.39 3.74
N ASN A 175 6.65 38.93 4.45
CA ASN A 175 6.93 39.82 5.58
C ASN A 175 7.09 39.04 6.89
N GLU A 176 7.05 37.72 6.84
CA GLU A 176 7.25 36.83 7.97
C GLU A 176 8.73 36.54 8.18
N SER A 177 9.05 36.04 9.38
CA SER A 177 10.42 35.68 9.71
C SER A 177 10.80 34.39 9.00
N THR A 178 11.96 34.40 8.33
CA THR A 178 12.52 33.24 7.65
C THR A 178 13.19 32.30 8.66
N ALA A 179 13.50 31.08 8.19
CA ALA A 179 14.12 30.10 9.07
C ALA A 179 15.41 30.65 9.64
N THR A 180 16.24 31.27 8.80
CA THR A 180 17.48 31.84 9.30
C THR A 180 17.20 32.94 10.32
N ASP A 181 16.16 33.76 10.08
CA ASP A 181 15.82 34.81 11.04
C ASP A 181 15.57 34.22 12.42
N VAL A 182 14.82 33.12 12.49
CA VAL A 182 14.54 32.51 13.79
C VAL A 182 15.83 31.99 14.42
N CYS A 183 16.70 31.37 13.61
CA CYS A 183 17.91 30.78 14.17
C CYS A 183 18.90 31.83 14.64
N GLU A 184 18.85 33.04 14.08
CA GLU A 184 19.66 34.14 14.57
C GLU A 184 19.26 34.59 15.97
N GLU A 185 18.13 34.13 16.48
CA GLU A 185 17.65 34.47 17.81
C GLU A 185 17.98 33.41 18.86
N PHE A 186 18.57 32.28 18.47
CA PHE A 186 18.97 31.28 19.45
C PHE A 186 19.87 31.91 20.50
N SER A 187 19.85 31.33 21.71
CA SER A 187 20.72 31.90 22.74
C SER A 187 22.14 31.34 22.65
N LYS A 188 22.29 30.13 22.11
CA LYS A 188 23.60 29.56 21.82
C LYS A 188 23.55 29.02 20.39
N PRO A 189 24.66 29.12 19.65
CA PRO A 189 24.67 28.58 18.29
C PRO A 189 24.30 27.11 18.24
N ASN A 190 23.78 26.68 17.09
CA ASN A 190 23.43 25.28 16.83
C ASN A 190 24.08 24.92 15.50
N PHE A 191 25.32 24.47 15.55
CA PHE A 191 26.03 24.12 14.32
C PHE A 191 25.42 22.92 13.62
N LYS A 192 24.88 21.97 14.38
CA LYS A 192 24.40 20.74 13.74
C LYS A 192 23.11 20.97 12.94
N LEU A 193 22.40 22.08 13.19
CA LEU A 193 21.21 22.48 12.42
C LEU A 193 21.64 23.36 11.24
N TRP A 194 22.16 22.71 10.19
CA TRP A 194 22.80 23.45 9.10
C TRP A 194 21.87 23.71 7.93
N PHE A 195 20.76 22.97 7.83
CA PHE A 195 19.77 23.18 6.77
C PHE A 195 18.72 24.14 7.30
N ARG A 196 18.73 25.37 6.76
CA ARG A 196 17.78 26.42 7.15
C ARG A 196 17.15 26.99 5.89
N GLU A 197 15.89 26.63 5.63
CA GLU A 197 15.26 27.02 4.38
C GLU A 197 13.84 27.49 4.64
N SER A 198 13.45 28.53 3.93
CA SER A 198 12.10 29.08 3.99
C SER A 198 11.44 29.01 2.63
N ILE A 199 10.17 28.59 2.62
CA ILE A 199 9.33 28.63 1.44
C ILE A 199 8.29 29.72 1.68
N VAL A 200 8.19 30.66 0.73
CA VAL A 200 7.13 31.66 0.75
C VAL A 200 6.00 31.17 -0.14
N SER A 201 4.84 30.91 0.45
CA SER A 201 3.67 30.48 -0.30
C SER A 201 3.16 31.60 -1.19
N ARG A 202 3.12 31.36 -2.50
CA ARG A 202 2.75 32.41 -3.45
C ARG A 202 1.46 32.01 -4.20
N SER A 203 1.11 32.79 -5.23
CA SER A 203 -0.20 32.59 -5.86
C SER A 203 -0.31 31.30 -6.66
N SER A 204 0.81 30.67 -7.03
CA SER A 204 0.80 29.35 -7.65
C SER A 204 1.85 28.45 -7.01
N ILE A 205 1.62 27.14 -7.05
CA ILE A 205 2.60 26.23 -6.48
C ILE A 205 3.96 26.39 -7.14
N GLU A 206 3.96 26.56 -8.47
CA GLU A 206 5.23 26.63 -9.17
C GLU A 206 6.08 27.80 -8.67
N ALA A 207 5.46 28.94 -8.36
CA ALA A 207 6.24 30.08 -7.89
C ALA A 207 6.64 29.96 -6.42
N SER A 208 5.91 29.15 -5.63
CA SER A 208 6.31 28.95 -4.24
C SER A 208 7.55 28.09 -4.10
N LEU A 209 7.92 27.34 -5.14
CA LEU A 209 8.98 26.33 -5.05
C LEU A 209 9.97 26.51 -6.19
N PRO A 210 10.62 27.66 -6.24
CA PRO A 210 11.57 27.91 -7.34
C PRO A 210 12.79 27.02 -7.26
N GLN A 211 13.17 26.57 -6.06
CA GLN A 211 14.39 25.78 -5.96
C GLN A 211 14.30 24.47 -6.72
N LEU A 212 13.09 24.04 -7.12
CA LEU A 212 12.88 22.83 -7.91
C LEU A 212 13.22 23.03 -9.39
N GLN A 213 13.36 24.27 -9.84
CA GLN A 213 13.62 24.49 -11.26
C GLN A 213 14.89 23.77 -11.71
N GLY A 214 15.97 23.88 -10.94
CA GLY A 214 17.24 23.30 -11.36
C GLY A 214 17.41 21.85 -10.97
N VAL A 215 16.30 21.17 -10.73
CA VAL A 215 16.30 19.82 -10.19
C VAL A 215 15.48 18.91 -11.11
N ALA A 216 16.13 17.85 -11.61
CA ALA A 216 15.44 16.80 -12.34
C ALA A 216 14.89 15.78 -11.34
N PRO A 217 13.58 15.55 -11.31
CA PRO A 217 13.03 14.56 -10.36
C PRO A 217 13.66 13.19 -10.58
N ALA A 218 13.84 12.45 -9.48
CA ALA A 218 14.50 11.15 -9.53
C ALA A 218 13.51 10.02 -9.80
N ASN A 220 12.31 7.46 -8.55
CA ASN A 220 13.39 6.49 -8.31
C ASN A 220 14.07 6.72 -6.94
N LEU A 221 13.48 7.57 -6.12
CA LEU A 221 13.97 7.82 -4.76
C LEU A 221 13.67 6.61 -3.88
N ARG A 222 14.71 6.02 -3.28
CA ARG A 222 14.54 4.79 -2.50
C ARG A 222 14.82 5.10 -1.02
N ALA A 223 13.78 5.00 -0.19
CA ALA A 223 13.93 5.07 1.25
C ALA A 223 13.94 3.65 1.84
N GLN A 224 14.86 3.41 2.76
CA GLN A 224 15.06 2.10 3.36
C GLN A 224 14.22 1.88 4.60
N SER A 225 13.40 2.85 4.99
CA SER A 225 12.71 2.76 6.26
C SER A 225 11.52 1.81 6.19
N GLU A 226 11.27 1.11 7.28
CA GLU A 226 10.14 0.20 7.38
C GLU A 226 8.98 0.88 8.10
N SER A 227 7.78 0.32 7.94
CA SER A 227 6.61 0.98 8.51
C SER A 227 6.67 1.04 10.03
N GLU A 228 7.43 0.16 10.66
CA GLU A 228 7.62 0.18 12.11
C GLU A 228 8.78 1.08 12.56
N ASP A 229 9.50 1.71 11.64
CA ASP A 229 10.48 2.72 12.00
C ASP A 229 9.78 4.04 12.32
N ILE A 230 10.49 4.91 13.03
CA ILE A 230 9.95 6.22 13.39
C ILE A 230 9.69 7.03 12.13
N ALA A 231 8.46 7.50 11.96
CA ALA A 231 8.11 8.40 10.87
C ALA A 231 8.34 9.88 11.19
N PHE A 232 8.10 10.31 12.43
CA PHE A 232 8.08 11.73 12.75
C PHE A 232 8.05 11.93 14.26
N LEU A 233 8.29 13.18 14.67
CA LEU A 233 8.12 13.60 16.05
C LEU A 233 7.01 14.64 16.11
N GLN A 234 6.07 14.45 17.03
CA GLN A 234 5.10 15.46 17.37
C GLN A 234 5.54 16.15 18.65
N LEU A 235 4.87 17.22 19.00
CA LEU A 235 5.14 17.93 20.24
C LEU A 235 3.95 17.79 21.17
N SER A 236 4.22 17.64 22.46
CA SER A 236 3.07 17.52 23.36
C SER A 236 2.47 18.91 23.64
N GLY A 237 1.29 18.88 24.27
CA GLY A 237 0.53 20.10 24.54
C GLY A 237 0.94 20.84 25.79
N THR A 240 2.26 24.50 28.87
CA THR A 240 2.78 24.29 30.21
C THR A 240 4.22 24.80 30.32
N GLY A 241 5.08 24.32 29.42
CA GLY A 241 6.48 24.71 29.39
C GLY A 241 7.14 24.27 28.10
N LEU A 242 8.40 23.84 28.18
CA LEU A 242 9.11 23.39 26.99
C LEU A 242 8.47 22.11 26.47
N PRO A 243 8.08 22.05 25.18
CA PRO A 243 7.36 20.87 24.68
C PRO A 243 8.26 19.65 24.57
N LYS A 244 7.65 18.48 24.82
CA LYS A 244 8.31 17.18 24.80
C LYS A 244 8.07 16.52 23.44
N LEU A 245 9.04 15.71 23.02
CA LEU A 245 9.03 15.13 21.70
C LEU A 245 8.36 13.77 21.74
N ILE A 246 7.42 13.57 20.81
CA ILE A 246 6.56 12.39 20.75
C ILE A 246 6.94 11.61 19.48
N PRO A 247 7.61 10.46 19.61
CA PRO A 247 7.99 9.69 18.41
C PRO A 247 6.87 8.76 17.98
N ARG A 248 6.35 8.92 16.75
CA ARG A 248 5.31 8.04 16.20
C ARG A 248 5.86 7.27 15.02
N THR A 249 5.55 5.97 14.94
CA THR A 249 5.98 5.13 13.81
C THR A 249 4.97 5.25 12.67
N HIS A 250 5.39 4.84 11.45
CA HIS A 250 4.44 4.85 10.33
C HIS A 250 3.25 3.95 10.63
N ALA A 251 3.53 2.69 10.94
CA ALA A 251 2.50 1.69 11.13
C ALA A 251 1.52 2.11 12.21
N ASP A 252 2.02 2.62 13.34
CA ASP A 252 1.09 2.98 14.41
C ASP A 252 0.26 4.21 14.02
N TYR A 253 0.86 5.21 13.37
CA TYR A 253 0.11 6.39 12.99
C TYR A 253 -0.89 6.10 11.86
N ILE A 254 -0.47 5.35 10.83
CA ILE A 254 -1.39 4.98 9.76
C ILE A 254 -2.54 4.12 10.31
N TYR A 255 -2.26 3.28 11.30
CA TYR A 255 -3.36 2.56 11.91
C TYR A 255 -4.38 3.51 12.52
N SER A 256 -3.92 4.45 13.36
CA SER A 256 -4.89 5.34 13.98
C SER A 256 -5.68 6.10 12.93
N ILE A 257 -5.06 6.39 11.78
CA ILE A 257 -5.75 7.13 10.73
C ILE A 257 -6.84 6.27 10.10
N GLU A 258 -6.54 5.01 9.81
CA GLU A 258 -7.55 4.09 9.29
C GLU A 258 -8.74 3.95 10.22
N LYS A 259 -8.50 3.89 11.52
CA LYS A 259 -9.62 3.77 12.46
C LYS A 259 -10.44 5.07 12.50
N SER A 260 -9.77 6.22 12.46
CA SER A 260 -10.48 7.49 12.40
C SER A 260 -11.23 7.64 11.11
N VAL A 261 -10.71 7.08 10.01
CA VAL A 261 -11.46 7.14 8.77
C VAL A 261 -12.79 6.41 8.92
N ASP A 262 -12.80 5.24 9.56
CA ASP A 262 -14.05 4.52 9.81
C ASP A 262 -15.02 5.30 10.71
N VAL A 263 -14.54 5.79 11.85
CA VAL A 263 -15.52 6.33 12.80
C VAL A 263 -16.00 7.71 12.38
N ALA A 264 -15.22 8.46 11.59
CA ALA A 264 -15.74 9.68 11.00
C ALA A 264 -16.57 9.43 9.75
N GLY A 265 -16.53 8.21 9.21
CA GLY A 265 -17.30 7.88 8.03
C GLY A 265 -16.83 8.56 6.77
N LEU A 266 -15.54 8.84 6.63
CA LEU A 266 -15.02 9.48 5.43
C LEU A 266 -15.11 8.56 4.21
N THR A 267 -15.45 9.17 3.06
CA THR A 267 -15.46 8.52 1.76
C THR A 267 -14.70 9.38 0.77
N GLN A 268 -14.49 8.83 -0.43
CA GLN A 268 -13.88 9.59 -1.50
C GLN A 268 -14.69 10.82 -1.92
N ASP A 269 -15.95 10.96 -1.49
CA ASP A 269 -16.74 12.16 -1.76
C ASP A 269 -16.66 13.18 -0.64
N THR A 270 -15.91 12.88 0.42
CA THR A 270 -15.81 13.79 1.55
C THR A 270 -15.04 15.04 1.17
N LYS A 271 -15.64 16.19 1.43
CA LYS A 271 -14.98 17.49 1.34
C LYS A 271 -14.86 18.00 2.77
N GLN A 272 -13.62 18.21 3.22
CA GLN A 272 -13.33 18.58 4.58
C GLN A 272 -12.70 19.96 4.60
N LEU A 273 -13.27 20.87 5.41
CA LEU A 273 -12.65 22.17 5.65
C LEU A 273 -11.59 22.02 6.74
N VAL A 274 -10.39 22.52 6.48
CA VAL A 274 -9.32 22.48 7.47
C VAL A 274 -9.14 23.89 8.02
N VAL A 275 -9.58 24.13 9.26
CA VAL A 275 -9.33 25.41 9.91
C VAL A 275 -8.26 25.32 11.01
N LEU A 276 -8.11 24.17 11.67
CA LEU A 276 -7.09 24.03 12.71
C LEU A 276 -5.69 24.08 12.07
N PRO A 277 -4.65 24.33 12.87
CA PRO A 277 -3.30 24.35 12.33
C PRO A 277 -2.89 22.98 11.81
N VAL A 278 -2.33 22.95 10.60
CA VAL A 278 -2.01 21.66 9.95
C VAL A 278 -0.91 20.90 10.67
N MET A 279 -0.12 21.56 11.52
CA MET A 279 0.93 20.85 12.24
C MET A 279 0.40 20.11 13.47
N HIS A 280 -0.87 20.26 13.78
CA HIS A 280 -1.43 19.72 15.01
C HIS A 280 -2.00 18.32 14.77
N ASN A 281 -1.76 17.40 15.72
CA ASN A 281 -2.21 16.00 15.61
C ASN A 281 -3.70 15.90 15.25
N PHE A 282 -4.53 16.77 15.85
CA PHE A 282 -5.97 16.76 15.61
C PHE A 282 -6.26 17.02 14.14
N CYS A 283 -5.68 18.08 13.59
CA CYS A 283 -5.85 18.41 12.17
C CYS A 283 -5.22 17.36 11.24
N MET A 284 -4.16 16.71 11.68
CA MET A 284 -3.46 15.78 10.80
C MET A 284 -4.23 14.48 10.63
N SER A 285 -4.77 13.95 11.73
CA SER A 285 -5.16 12.55 11.70
C SER A 285 -6.46 12.22 12.41
N SER A 286 -7.21 13.17 12.96
CA SER A 286 -8.35 12.80 13.81
C SER A 286 -9.66 13.45 13.36
N PRO A 287 -10.13 13.12 12.15
CA PRO A 287 -9.50 12.20 11.19
C PRO A 287 -8.50 12.94 10.33
N GLY A 288 -8.63 14.26 10.32
CA GLY A 288 -7.60 15.13 9.79
C GLY A 288 -7.49 15.03 8.29
N PHE A 289 -6.46 15.72 7.76
CA PHE A 289 -6.28 15.73 6.32
C PHE A 289 -5.73 14.40 5.82
N LEU A 290 -5.02 13.64 6.65
CA LEU A 290 -4.50 12.35 6.21
C LEU A 290 -5.64 11.35 6.04
N GLY A 291 -6.62 11.38 6.95
CA GLY A 291 -7.81 10.58 6.73
C GLY A 291 -8.49 10.90 5.42
N VAL A 292 -8.59 12.19 5.07
CA VAL A 292 -9.23 12.55 3.82
C VAL A 292 -8.41 12.01 2.65
N PHE A 293 -7.08 12.18 2.72
CA PHE A 293 -6.20 11.59 1.71
C PHE A 293 -6.40 10.07 1.64
N TYR A 294 -6.57 9.43 2.80
CA TYR A 294 -6.67 7.98 2.88
C TYR A 294 -7.83 7.44 2.04
N VAL A 295 -8.93 8.18 1.94
CA VAL A 295 -10.10 7.74 1.20
C VAL A 295 -10.26 8.47 -0.12
N GLY A 296 -9.26 9.26 -0.53
CA GLY A 296 -9.36 9.96 -1.78
C GLY A 296 -10.28 11.17 -1.81
N GLY A 297 -10.59 11.76 -0.66
CA GLY A 297 -11.44 12.93 -0.61
C GLY A 297 -10.66 14.19 -0.91
N THR A 298 -11.30 15.33 -0.65
CA THR A 298 -10.74 16.64 -0.95
C THR A 298 -10.62 17.43 0.34
N VAL A 299 -9.41 17.93 0.61
CA VAL A 299 -9.15 18.89 1.68
C VAL A 299 -9.20 20.30 1.11
N VAL A 300 -9.87 21.20 1.83
CA VAL A 300 -9.99 22.61 1.46
C VAL A 300 -9.34 23.41 2.57
N LEU A 301 -8.30 24.14 2.24
CA LEU A 301 -7.38 24.66 3.24
C LEU A 301 -7.64 26.15 3.39
N SER A 302 -7.87 26.58 4.63
CA SER A 302 -8.09 27.98 4.93
C SER A 302 -6.99 28.44 5.88
N GLN A 303 -6.27 29.48 5.49
CA GLN A 303 -5.35 30.14 6.41
C GLN A 303 -6.09 30.82 7.57
N LEU A 304 -7.39 31.09 7.44
CA LEU A 304 -8.14 31.90 8.39
C LEU A 304 -9.22 31.08 9.09
N THR A 305 -9.46 31.41 10.35
CA THR A 305 -10.58 30.85 11.07
C THR A 305 -11.75 31.81 11.15
N HIS A 306 -11.64 32.98 10.53
CA HIS A 306 -12.69 33.99 10.66
C HIS A 306 -14.00 33.40 10.15
N PRO A 307 -15.11 33.66 10.86
CA PRO A 307 -16.37 33.01 10.49
C PRO A 307 -16.79 33.21 9.03
N ARG A 308 -16.77 34.46 8.54
CA ARG A 308 -17.28 34.70 7.21
C ARG A 308 -16.49 33.92 6.17
N VAL A 309 -15.16 33.91 6.30
CA VAL A 309 -14.29 33.21 5.35
C VAL A 309 -14.67 31.74 5.28
N CYS A 310 -14.84 31.11 6.45
CA CYS A 310 -15.13 29.68 6.49
C CYS A 310 -16.52 29.36 5.95
N PHE A 311 -17.51 30.21 6.26
CA PHE A 311 -18.84 30.03 5.73
C PHE A 311 -18.84 30.06 4.20
N GLU A 312 -18.16 31.06 3.63
CA GLU A 312 -17.98 31.15 2.19
C GLU A 312 -17.41 29.87 1.60
N LEU A 313 -16.39 29.30 2.28
CA LEU A 313 -15.74 28.13 1.74
C LEU A 313 -16.66 26.92 1.83
N ILE A 314 -17.35 26.78 2.97
CA ILE A 314 -18.32 25.70 3.16
C ILE A 314 -19.39 25.74 2.08
N GLU A 315 -19.94 26.94 1.83
CA GLU A 315 -20.98 27.07 0.80
C GLU A 315 -20.41 26.85 -0.58
N LYS A 316 -19.18 27.31 -0.82
CA LYS A 316 -18.62 27.25 -2.16
C LYS A 316 -18.30 25.81 -2.54
N TYR A 317 -17.65 25.08 -1.64
CA TYR A 317 -17.21 23.72 -1.89
C TYR A 317 -18.14 22.66 -1.34
N GLN A 318 -19.27 23.05 -0.75
CA GLN A 318 -20.22 22.10 -0.18
C GLN A 318 -19.54 21.18 0.82
N ILE A 319 -18.79 21.79 1.73
CA ILE A 319 -18.08 21.04 2.74
C ILE A 319 -19.06 20.23 3.57
N GLN A 320 -18.71 18.98 3.82
CA GLN A 320 -19.48 18.07 4.66
C GLN A 320 -18.94 17.92 6.07
N GLN A 321 -17.63 18.09 6.27
CA GLN A 321 -17.04 17.88 7.59
C GLN A 321 -16.02 18.97 7.90
N VAL A 322 -15.93 19.30 9.19
CA VAL A 322 -14.87 20.18 9.70
C VAL A 322 -14.62 19.79 11.15
N SER A 323 -13.36 19.96 11.57
CA SER A 323 -12.89 19.70 12.93
C SER A 323 -12.64 21.04 13.59
N LEU A 324 -13.16 21.20 14.80
CA LEU A 324 -13.05 22.47 15.53
C LEU A 324 -12.62 22.22 16.98
N VAL A 325 -12.20 23.31 17.64
CA VAL A 325 -12.03 23.30 19.09
C VAL A 325 -13.16 24.18 19.62
N PRO A 326 -13.58 24.03 20.88
CA PRO A 326 -14.73 24.78 21.36
C PRO A 326 -14.69 26.29 21.10
N ALA A 327 -13.50 26.94 21.20
CA ALA A 327 -13.42 28.38 21.01
C ALA A 327 -13.69 28.79 19.57
N ILE A 328 -13.40 27.91 18.60
CA ILE A 328 -13.78 28.25 17.24
C ILE A 328 -15.27 28.07 17.07
N ALA A 329 -15.83 27.01 17.64
CA ALA A 329 -17.28 26.80 17.60
C ALA A 329 -18.01 27.99 18.20
N THR A 330 -17.50 28.53 19.31
CA THR A 330 -18.15 29.68 19.93
C THR A 330 -18.09 30.88 19.01
N LEU A 331 -16.91 31.15 18.44
CA LEU A 331 -16.78 32.19 17.42
C LEU A 331 -17.87 32.05 16.35
N TRP A 332 -18.06 30.83 15.84
CA TRP A 332 -18.95 30.57 14.72
C TRP A 332 -20.43 30.71 15.11
N LEU A 333 -20.84 30.11 16.23
CA LEU A 333 -22.24 30.16 16.63
C LEU A 333 -22.69 31.55 17.00
N ASN A 334 -21.76 32.48 17.18
CA ASN A 334 -22.08 33.85 17.56
C ASN A 334 -21.74 34.85 16.47
N ALA A 335 -21.28 34.37 15.32
CA ALA A 335 -21.11 35.23 14.15
C ALA A 335 -22.50 35.63 13.64
N GLU A 336 -22.69 36.94 13.42
CA GLU A 336 -23.92 37.37 12.79
C GLU A 336 -23.95 36.99 11.31
N SER A 337 -22.80 36.67 10.73
CA SER A 337 -22.75 36.23 9.34
C SER A 337 -23.41 34.86 9.13
N LEU A 338 -23.61 34.09 10.20
CA LEU A 338 -24.22 32.76 10.14
C LEU A 338 -25.41 32.67 9.18
N LYS A 339 -26.42 33.51 9.39
CA LYS A 339 -27.63 33.46 8.57
C LYS A 339 -27.39 33.74 7.09
N ASP A 340 -26.18 34.12 6.71
CA ASP A 340 -25.92 34.69 5.39
C ASP A 340 -25.40 33.67 4.38
N TYR A 341 -25.16 32.42 4.78
CA TYR A 341 -24.53 31.42 3.92
C TYR A 341 -25.33 30.13 3.92
N ASP A 342 -25.23 29.40 2.81
CA ASP A 342 -25.78 28.06 2.71
C ASP A 342 -24.79 27.09 3.34
N LEU A 343 -25.03 26.73 4.61
CA LEU A 343 -24.25 25.72 5.30
C LEU A 343 -24.92 24.34 5.28
N SER A 344 -25.84 24.09 4.33
CA SER A 344 -26.65 22.88 4.37
C SER A 344 -25.84 21.62 4.12
N SER A 345 -24.77 21.72 3.33
CA SER A 345 -23.93 20.55 3.06
C SER A 345 -23.27 19.99 4.31
N LEU A 346 -23.16 20.78 5.38
CA LEU A 346 -22.46 20.31 6.56
C LEU A 346 -23.14 19.05 7.11
N GLN A 347 -22.36 18.03 7.43
CA GLN A 347 -22.89 16.81 8.02
C GLN A 347 -22.36 16.52 9.42
N VAL A 348 -21.06 16.64 9.63
CA VAL A 348 -20.42 16.19 10.85
C VAL A 348 -19.41 17.24 11.28
N VAL A 349 -19.48 17.66 12.54
CA VAL A 349 -18.51 18.58 13.11
C VAL A 349 -17.79 17.84 14.22
N GLN A 350 -16.50 17.64 14.05
CA GLN A 350 -15.67 17.21 15.16
C GLN A 350 -15.33 18.40 16.05
N VAL A 351 -15.46 18.19 17.35
CA VAL A 351 -14.98 19.15 18.32
C VAL A 351 -14.11 18.41 19.34
N GLY A 352 -12.90 18.88 19.53
CA GLY A 352 -12.00 18.32 20.51
C GLY A 352 -10.97 19.34 20.92
N GLY A 353 -9.99 18.88 21.72
CA GLY A 353 -8.86 19.68 22.10
C GLY A 353 -8.97 20.30 23.48
N ALA A 354 -10.18 20.60 23.94
CA ALA A 354 -10.40 21.22 25.25
C ALA A 354 -11.81 20.88 25.72
N LYS A 355 -12.11 21.23 26.98
CA LYS A 355 -13.42 20.90 27.54
C LYS A 355 -14.52 21.53 26.71
N LEU A 356 -15.48 20.71 26.28
CA LEU A 356 -16.66 21.14 25.52
C LEU A 356 -17.86 21.06 26.45
N LEU A 357 -18.41 22.22 26.82
CA LEU A 357 -19.54 22.24 27.71
C LEU A 357 -20.75 21.60 27.03
N PRO A 358 -21.50 20.74 27.73
CA PRO A 358 -22.67 20.10 27.11
C PRO A 358 -23.63 21.09 26.46
N SER A 359 -23.85 22.24 27.10
CA SER A 359 -24.75 23.24 26.53
C SER A 359 -24.22 23.77 25.21
N LEU A 360 -22.89 23.90 25.10
CA LEU A 360 -22.32 24.36 23.83
C LEU A 360 -22.31 23.23 22.79
N ALA A 361 -22.12 21.98 23.24
CA ALA A 361 -22.30 20.86 22.33
C ALA A 361 -23.74 20.81 21.81
N GLU A 362 -24.70 21.00 22.70
CA GLU A 362 -26.11 21.06 22.30
C GLU A 362 -26.33 22.18 21.30
N GLN A 363 -25.75 23.36 21.56
CA GLN A 363 -25.91 24.49 20.68
C GLN A 363 -25.29 24.25 19.30
N ILE A 364 -24.26 23.40 19.22
CA ILE A 364 -23.63 23.13 17.94
C ILE A 364 -24.56 22.29 17.07
N ILE A 365 -25.16 21.26 17.67
CA ILE A 365 -26.11 20.43 16.94
C ILE A 365 -27.26 21.28 16.42
N ASP A 366 -27.83 22.12 17.29
CA ASP A 366 -29.02 22.87 16.92
C ASP A 366 -28.72 23.91 15.84
N THR A 367 -27.75 24.78 16.08
CA THR A 367 -27.53 25.90 15.16
C THR A 367 -27.04 25.41 13.81
N LEU A 368 -26.03 24.54 13.80
CA LEU A 368 -25.45 24.07 12.54
C LEU A 368 -26.25 22.92 11.91
N GLN A 369 -27.04 22.19 12.70
CA GLN A 369 -27.85 21.08 12.20
C GLN A 369 -26.96 19.97 11.66
N VAL A 370 -26.01 19.54 12.49
CA VAL A 370 -25.03 18.53 12.14
C VAL A 370 -25.10 17.45 13.18
N LYS A 371 -24.48 16.32 12.88
CA LYS A 371 -24.11 15.38 13.93
C LYS A 371 -22.83 15.88 14.58
N LEU A 372 -22.87 16.10 15.89
CA LEU A 372 -21.68 16.42 16.65
C LEU A 372 -20.88 15.14 16.87
N GLN A 373 -19.57 15.21 16.61
CA GLN A 373 -18.62 14.16 16.93
C GLN A 373 -17.56 14.73 17.88
N GLN A 374 -17.65 14.38 19.17
CA GLN A 374 -16.66 14.75 20.15
C GLN A 374 -15.42 13.87 20.01
N VAL A 375 -14.22 14.47 20.18
CA VAL A 375 -12.95 13.76 20.02
C VAL A 375 -12.04 14.15 21.18
N TYR A 376 -11.75 13.19 22.06
CA TYR A 376 -10.76 13.35 23.13
C TYR A 376 -9.51 12.63 22.69
N GLY A 377 -8.51 13.39 22.23
CA GLY A 377 -7.26 12.81 21.78
C GLY A 377 -6.07 13.51 22.42
N MET A 378 -4.90 12.95 22.17
CA MET A 378 -3.63 13.50 22.60
C MET A 378 -2.57 13.11 21.58
N ALA A 379 -1.62 14.02 21.34
CA ALA A 379 -0.55 13.70 20.40
C ALA A 379 0.22 12.45 20.84
N GLU A 380 0.15 12.06 22.11
CA GLU A 380 0.89 10.90 22.58
C GLU A 380 0.30 9.59 22.09
N GLY A 381 -0.94 9.60 21.63
CA GLY A 381 -1.52 8.38 21.14
C GLY A 381 -3.03 8.37 21.15
N LEU A 382 -3.60 7.85 22.24
CA LEU A 382 -5.01 7.50 22.30
C LEU A 382 -5.93 8.59 21.77
N VAL A 383 -6.86 8.20 20.89
CA VAL A 383 -7.95 9.07 20.50
C VAL A 383 -9.27 8.35 20.71
N ASN A 384 -10.26 9.10 21.17
CA ASN A 384 -11.60 8.59 21.42
C ASN A 384 -12.59 9.42 20.63
N PHE A 385 -13.50 8.75 19.91
CA PHE A 385 -14.52 9.44 19.13
C PHE A 385 -15.91 9.04 19.61
N THR A 386 -16.84 9.99 19.65
CA THR A 386 -18.23 9.56 19.66
C THR A 386 -18.60 9.06 18.27
N HIS A 387 -19.67 8.29 18.20
CA HIS A 387 -20.01 7.60 16.96
C HIS A 387 -21.15 8.28 16.23
N LEU A 388 -21.15 8.15 14.91
CA LEU A 388 -22.17 8.79 14.09
C LEU A 388 -23.56 8.23 14.35
N ASP A 389 -23.68 6.97 14.77
CA ASP A 389 -24.98 6.45 15.19
C ASP A 389 -25.24 6.60 16.68
N ASP A 390 -24.38 7.34 17.39
CA ASP A 390 -24.65 7.66 18.78
C ASP A 390 -25.81 8.66 18.85
N SER A 391 -26.69 8.49 19.84
CA SER A 391 -27.73 9.47 20.07
C SER A 391 -27.13 10.84 20.34
N ASP A 392 -27.88 11.89 20.04
CA ASP A 392 -27.39 13.23 20.30
C ASP A 392 -26.89 13.37 21.73
N GLN A 393 -27.58 12.72 22.67
CA GLN A 393 -27.22 12.87 24.08
C GLN A 393 -25.80 12.37 24.34
N ILE A 394 -25.45 11.21 23.77
CA ILE A 394 -24.10 10.69 23.90
C ILE A 394 -23.09 11.69 23.36
N THR A 395 -23.37 12.27 22.18
CA THR A 395 -22.44 13.21 21.60
C THR A 395 -22.38 14.51 22.40
N ILE A 396 -23.39 14.76 23.23
CA ILE A 396 -23.43 15.99 24.03
C ILE A 396 -22.73 15.82 25.38
N GLN A 397 -22.77 14.61 25.93
CA GLN A 397 -22.31 14.35 27.28
C GLN A 397 -20.97 13.60 27.39
N THR A 398 -20.45 13.02 26.30
CA THR A 398 -19.26 12.16 26.39
C THR A 398 -18.29 12.43 25.24
N GLN A 399 -17.06 11.93 25.39
CA GLN A 399 -16.03 11.98 24.35
C GLN A 399 -15.81 10.62 23.69
N GLY A 400 -16.81 9.74 23.73
CA GLY A 400 -16.84 8.56 22.89
C GLY A 400 -15.92 7.43 23.33
N LYS A 401 -15.53 6.65 22.33
CA LYS A 401 -14.87 5.36 22.49
C LYS A 401 -13.52 5.35 21.81
N LYS A 402 -12.56 4.72 22.49
CA LYS A 402 -11.21 4.52 21.97
C LYS A 402 -11.25 4.01 20.53
N LEU A 403 -10.19 4.30 19.75
CA LEU A 403 -10.21 3.93 18.34
C LEU A 403 -10.10 2.41 18.17
N SER A 404 -9.24 1.77 18.95
CA SER A 404 -8.89 0.38 18.72
C SER A 404 -9.40 -0.48 19.86
N HIS A 405 -9.82 -1.70 19.52
CA HIS A 405 -10.18 -2.63 20.57
C HIS A 405 -8.98 -3.02 21.41
N LEU A 406 -7.78 -2.71 20.96
CA LEU A 406 -6.58 -2.99 21.73
C LEU A 406 -6.14 -1.79 22.58
N ASP A 407 -6.85 -0.66 22.47
CA ASP A 407 -6.63 0.44 23.39
C ASP A 407 -7.04 0.02 24.79
N GLU A 408 -6.20 0.32 25.77
CA GLU A 408 -6.46 0.03 27.17
C GLU A 408 -6.54 1.35 27.93
N ILE A 409 -7.68 1.60 28.54
CA ILE A 409 -7.91 2.83 29.29
C ILE A 409 -8.08 2.43 30.73
N ARG A 410 -7.18 2.93 31.58
CA ARG A 410 -7.22 2.68 33.01
C ARG A 410 -7.58 3.99 33.70
N ILE A 411 -8.58 3.93 34.56
CA ILE A 411 -8.96 5.07 35.39
C ILE A 411 -8.38 4.77 36.76
N ALA A 412 -7.27 5.43 37.10
CA ALA A 412 -6.49 5.09 38.28
C ALA A 412 -6.85 6.01 39.45
N ASP A 413 -6.93 5.42 40.65
CA ASP A 413 -7.12 6.24 41.84
C ASP A 413 -5.82 6.98 42.13
N GLN A 414 -5.79 7.69 43.27
CA GLN A 414 -4.61 8.47 43.63
C GLN A 414 -3.40 7.57 43.94
N ASP A 415 -3.62 6.28 44.15
CA ASP A 415 -2.53 5.35 44.44
C ASP A 415 -2.22 4.40 43.28
N GLY A 416 -2.78 4.65 42.10
CA GLY A 416 -2.48 3.86 40.91
C GLY A 416 -3.45 2.73 40.62
N ASN A 417 -4.34 2.39 41.56
CA ASN A 417 -5.23 1.25 41.41
C ASN A 417 -6.36 1.56 40.46
N ALA A 418 -6.69 0.60 39.60
CA ALA A 418 -7.76 0.80 38.62
C ALA A 418 -9.11 0.98 39.31
N LEU A 419 -9.93 1.86 38.76
CA LEU A 419 -11.25 2.16 39.29
C LEU A 419 -12.34 1.59 38.39
N PRO A 420 -13.53 1.34 38.92
CA PRO A 420 -14.62 0.79 38.10
C PRO A 420 -15.36 1.87 37.32
N ILE A 421 -16.41 1.42 36.63
CA ILE A 421 -17.22 2.33 35.82
C ILE A 421 -17.87 3.39 36.69
N ASN A 422 -17.85 4.63 36.19
CA ASN A 422 -18.49 5.79 36.80
C ASN A 422 -17.72 6.30 38.02
N ALA A 423 -16.45 5.95 38.15
CA ALA A 423 -15.57 6.51 39.17
C ALA A 423 -14.58 7.46 38.51
N ILE A 424 -14.51 8.70 39.01
CA ILE A 424 -13.56 9.66 38.48
C ILE A 424 -12.15 9.33 38.99
N GLY A 425 -11.17 9.46 38.11
CA GLY A 425 -9.80 9.16 38.47
C GLY A 425 -8.90 9.53 37.32
N HIS A 426 -7.61 9.20 37.48
CA HIS A 426 -6.59 9.60 36.52
C HIS A 426 -6.60 8.64 35.32
N ILE A 427 -6.85 9.20 34.13
CA ILE A 427 -6.94 8.44 32.89
C ILE A 427 -5.54 8.08 32.42
N GLN A 428 -5.27 6.79 32.36
CA GLN A 428 -4.00 6.29 31.83
C GLN A 428 -4.30 5.34 30.69
N THR A 429 -3.37 5.21 29.75
CA THR A 429 -3.69 4.40 28.59
C THR A 429 -2.45 3.78 27.97
N ARG A 430 -2.68 2.70 27.26
CA ARG A 430 -1.65 2.07 26.45
C ARG A 430 -2.35 1.24 25.38
N GLY A 431 -1.79 1.24 24.17
CA GLY A 431 -2.40 0.60 23.03
C GLY A 431 -1.51 0.61 21.81
N PRO A 432 -2.07 0.25 20.65
CA PRO A 432 -1.23 0.03 19.46
C PRO A 432 -0.71 1.30 18.79
N TYR A 433 -1.10 2.50 19.22
CA TYR A 433 -0.56 3.72 18.61
C TYR A 433 -0.18 4.75 19.67
N THR A 434 -0.01 4.33 20.92
CA THR A 434 0.30 5.22 22.03
C THR A 434 1.78 5.04 22.39
N ILE A 435 2.50 6.15 22.59
CA ILE A 435 3.94 6.07 22.79
C ILE A 435 4.26 5.42 24.14
N ASN A 436 5.47 4.86 24.22
CA ASN A 436 6.02 4.25 25.43
C ASN A 436 7.10 5.09 26.08
N GLY A 437 7.53 6.16 25.42
CA GLY A 437 8.41 7.13 26.03
C GLY A 437 8.48 8.34 25.14
N TYR A 438 8.62 9.50 25.75
CA TYR A 438 9.01 10.69 25.01
C TYR A 438 10.44 10.50 24.49
N TYR A 439 10.71 11.07 23.33
CA TYR A 439 11.99 10.88 22.68
C TYR A 439 13.10 11.65 23.41
N ASN A 440 14.17 10.93 23.78
CA ASN A 440 15.36 11.55 24.39
C ASN A 440 14.98 12.38 25.63
N LEU A 441 14.23 11.76 26.55
CA LEU A 441 13.77 12.41 27.78
C LEU A 441 13.67 11.36 28.88
N PRO A 442 14.77 10.66 29.19
CA PRO A 442 14.69 9.55 30.15
C PRO A 442 14.21 9.93 31.54
N GLU A 443 14.50 11.16 32.00
CA GLU A 443 14.10 11.51 33.36
C GLU A 443 12.60 11.79 33.44
N ILE A 444 12.05 12.46 32.43
CA ILE A 444 10.62 12.67 32.39
C ILE A 444 9.89 11.36 32.20
N ASN A 445 10.45 10.46 31.37
CA ASN A 445 9.79 9.20 31.07
C ASN A 445 9.54 8.39 32.34
N GLN A 446 10.46 8.46 33.31
CA GLN A 446 10.31 7.66 34.51
C GLN A 446 9.07 8.05 35.30
N ARG A 447 8.58 9.27 35.11
CA ARG A 447 7.42 9.77 35.83
C ARG A 447 6.14 9.77 34.98
N ALA A 448 6.25 9.85 33.66
CA ALA A 448 5.08 10.03 32.80
C ALA A 448 4.39 8.72 32.41
N PHE A 449 5.00 7.58 32.74
CA PHE A 449 4.49 6.24 32.42
C PHE A 449 4.52 5.38 33.67
N THR A 450 3.52 4.53 33.83
CA THR A 450 3.49 3.64 34.99
C THR A 450 4.58 2.58 34.90
N GLN A 451 4.71 1.81 35.97
CA GLN A 451 5.62 0.67 35.97
C GLN A 451 5.33 -0.25 34.80
N ASP A 452 4.06 -0.56 34.57
CA ASP A 452 3.66 -1.49 33.53
C ASP A 452 3.36 -0.81 32.21
N GLY A 453 3.76 0.45 32.05
CA GLY A 453 3.83 1.06 30.74
C GLY A 453 2.61 1.86 30.32
N PHE A 454 1.75 2.23 31.25
CA PHE A 454 0.61 3.04 30.87
C PHE A 454 1.02 4.49 30.80
N TYR A 455 0.65 5.16 29.72
CA TYR A 455 0.91 6.59 29.61
C TYR A 455 -0.08 7.33 30.52
N LYS A 456 0.43 8.28 31.29
CA LYS A 456 -0.41 9.04 32.20
C LYS A 456 -0.83 10.34 31.50
N THR A 457 -2.10 10.42 31.10
CA THR A 457 -2.54 11.57 30.31
C THR A 457 -2.52 12.88 31.08
N GLY A 458 -2.49 12.84 32.40
CA GLY A 458 -2.76 14.05 33.16
C GLY A 458 -4.22 14.46 33.26
N ASP A 459 -5.12 13.80 32.53
CA ASP A 459 -6.55 14.09 32.55
C ASP A 459 -7.28 13.26 33.59
N ILE A 460 -8.38 13.81 34.10
CA ILE A 460 -9.26 13.05 34.97
C ILE A 460 -10.63 12.96 34.34
N GLY A 461 -11.33 11.89 34.68
CA GLY A 461 -12.64 11.59 34.14
C GLY A 461 -13.02 10.16 34.51
N TYR A 462 -14.04 9.65 33.81
CA TYR A 462 -14.54 8.32 34.10
C TYR A 462 -14.99 7.64 32.82
N LEU A 463 -15.17 6.32 32.93
CA LEU A 463 -15.81 5.53 31.88
C LEU A 463 -17.25 5.26 32.28
N ASP A 464 -18.20 5.55 31.39
CA ASP A 464 -19.60 5.43 31.77
C ASP A 464 -20.13 4.02 31.44
N GLU A 465 -21.45 3.82 31.53
CA GLU A 465 -22.03 2.49 31.40
C GLU A 465 -21.80 1.90 30.01
N ASN A 466 -21.85 2.73 28.97
CA ASN A 466 -21.58 2.28 27.61
C ASN A 466 -20.10 2.22 27.27
N LEU A 467 -19.21 2.41 28.25
CA LEU A 467 -17.78 2.54 28.00
C LEU A 467 -17.47 3.74 27.12
N ASN A 468 -18.23 4.82 27.28
CA ASN A 468 -17.83 6.10 26.72
C ASN A 468 -17.07 6.85 27.80
N ILE A 469 -15.96 7.46 27.39
CA ILE A 469 -15.13 8.20 28.31
C ILE A 469 -15.67 9.63 28.47
N VAL A 470 -15.54 10.17 29.67
CA VAL A 470 -16.02 11.51 30.00
C VAL A 470 -14.87 12.21 30.70
N VAL A 471 -14.25 13.18 30.02
CA VAL A 471 -13.15 13.92 30.63
C VAL A 471 -13.72 15.04 31.51
N THR A 472 -13.44 14.98 32.81
CA THR A 472 -13.95 15.97 33.75
C THR A 472 -12.97 17.08 34.06
N GLY A 473 -11.67 16.86 33.87
CA GLY A 473 -10.71 17.89 34.23
C GLY A 473 -9.28 17.37 34.13
N ARG A 474 -8.38 18.15 34.74
CA ARG A 474 -6.94 17.87 34.72
C ARG A 474 -6.51 17.34 36.09
N GLU A 475 -5.45 16.53 36.09
CA GLU A 475 -4.97 15.95 37.34
C GLU A 475 -4.39 17.03 38.25
N LYS A 476 -3.50 17.86 37.72
CA LYS A 476 -2.85 18.93 38.48
C LYS A 476 -3.07 20.24 37.73
N GLU A 477 -4.13 20.96 38.10
CA GLU A 477 -4.29 22.32 37.59
C GLU A 477 -3.23 23.23 38.20
N GLN A 478 -2.85 24.27 37.44
CA GLN A 478 -1.86 25.21 37.94
C GLN A 478 -2.41 25.95 39.15
N ILE A 479 -1.52 26.21 40.11
CA ILE A 479 -1.90 26.88 41.36
C ILE A 479 -1.72 28.39 41.19
N ASN A 480 -2.69 29.15 41.69
CA ASN A 480 -2.70 30.60 41.57
C ASN A 480 -2.38 31.17 42.95
N ARG A 481 -1.09 31.31 43.23
CA ARG A 481 -0.60 31.80 44.52
C ARG A 481 -0.27 33.28 44.38
N SER A 482 -1.02 34.12 45.10
CA SER A 482 -0.78 35.57 45.13
C SER A 482 -0.52 36.13 43.74
N GLY A 483 -1.38 35.77 42.78
CA GLY A 483 -1.35 36.33 41.45
C GLY A 483 -0.43 35.65 40.46
N GLU A 484 0.38 34.70 40.90
CA GLU A 484 1.28 33.98 40.01
C GLU A 484 0.79 32.55 39.80
N LYS A 485 1.05 32.02 38.60
CA LYS A 485 0.61 30.68 38.21
C LYS A 485 1.81 29.73 38.22
N ILE A 486 1.67 28.58 38.88
CA ILE A 486 2.77 27.63 39.06
C ILE A 486 2.33 26.25 38.58
N THR A 487 3.24 25.56 37.88
CA THR A 487 2.96 24.22 37.36
C THR A 487 3.31 23.19 38.43
N PRO A 488 2.33 22.48 39.00
CA PRO A 488 2.68 21.54 40.09
C PRO A 488 3.73 20.51 39.70
N SER A 489 3.64 19.95 38.50
CA SER A 489 4.65 18.99 38.08
C SER A 489 6.04 19.61 38.06
N GLU A 490 6.14 20.92 37.81
CA GLU A 490 7.45 21.57 37.81
C GLU A 490 8.11 21.51 39.19
N ILE A 491 7.31 21.51 40.25
CA ILE A 491 7.83 21.50 41.60
C ILE A 491 8.05 20.09 42.10
N GLU A 492 7.12 19.19 41.73
CA GLU A 492 7.31 17.77 42.03
C GLU A 492 8.66 17.28 41.52
N GLU A 493 9.06 17.72 40.32
CA GLU A 493 10.30 17.23 39.71
C GLU A 493 11.51 17.56 40.58
N PHE A 494 11.62 18.81 41.01
CA PHE A 494 12.70 19.19 41.92
C PHE A 494 12.60 18.42 43.24
N ILE A 495 11.39 18.18 43.72
CA ILE A 495 11.23 17.51 45.00
C ILE A 495 11.56 16.03 44.87
N LEU A 496 11.39 15.47 43.68
CA LEU A 496 11.78 14.08 43.45
C LEU A 496 13.29 13.89 43.50
N GLN A 497 14.08 14.96 43.38
CA GLN A 497 15.54 14.87 43.46
C GLN A 497 16.06 15.03 44.88
N TYR A 498 15.19 15.04 45.89
CA TYR A 498 15.63 15.07 47.27
C TYR A 498 15.86 13.65 47.77
N SER A 500 15.25 10.92 51.00
CA SER A 500 15.06 10.32 49.69
C SER A 500 13.59 10.29 49.31
N VAL A 501 13.21 11.13 48.35
CA VAL A 501 11.82 11.26 47.92
C VAL A 501 11.41 10.03 47.13
N LYS A 502 10.27 9.44 47.50
CA LYS A 502 9.68 8.34 46.74
C LYS A 502 8.37 8.68 46.05
N ASP A 503 7.57 9.59 46.62
CA ASP A 503 6.38 10.08 45.95
C ASP A 503 6.05 11.47 46.48
N VAL A 504 5.61 12.34 45.58
CA VAL A 504 5.21 13.71 45.90
C VAL A 504 4.07 14.13 44.98
N CYS A 505 3.08 14.81 45.53
CA CYS A 505 2.02 15.46 44.76
C CYS A 505 1.82 16.86 45.31
N VAL A 506 1.99 17.87 44.46
CA VAL A 506 1.85 19.26 44.87
C VAL A 506 0.48 19.76 44.43
N ILE A 507 -0.28 20.32 45.37
CA ILE A 507 -1.59 20.91 45.12
C ILE A 507 -1.67 22.24 45.88
N GLY A 508 -2.78 22.94 45.70
CA GLY A 508 -3.00 24.21 46.37
C GLY A 508 -4.25 24.19 47.22
N VAL A 509 -4.17 24.79 48.42
CA VAL A 509 -5.31 24.93 49.31
C VAL A 509 -5.61 26.42 49.49
N SER A 510 -6.27 26.77 50.60
CA SER A 510 -6.53 28.16 50.99
C SER A 510 -6.90 29.08 49.80
N GLU A 516 -4.40 28.50 46.47
CA GLU A 516 -3.73 29.79 46.65
C GLU A 516 -2.39 29.61 47.36
N ARG A 517 -2.26 28.62 48.25
CA ARG A 517 -0.99 28.26 48.83
C ARG A 517 -0.54 26.89 48.31
N ILE A 518 0.78 26.64 48.36
CA ILE A 518 1.40 25.47 47.73
C ILE A 518 1.71 24.44 48.80
N LYS A 519 1.10 23.25 48.68
CA LYS A 519 1.33 22.16 49.62
C LYS A 519 1.92 20.97 48.88
N ALA A 520 2.83 20.27 49.54
CA ALA A 520 3.54 19.14 48.96
C ALA A 520 3.30 17.90 49.81
N ILE A 521 2.43 17.01 49.34
CA ILE A 521 2.22 15.69 49.95
C ILE A 521 3.40 14.81 49.58
N ILE A 522 4.11 14.29 50.58
CA ILE A 522 5.29 13.47 50.34
C ILE A 522 5.08 12.06 50.86
N ILE A 523 5.64 11.09 50.14
CA ILE A 523 5.72 9.70 50.55
C ILE A 523 7.17 9.37 50.84
N PRO A 524 7.52 8.98 52.05
CA PRO A 524 8.94 8.70 52.37
C PRO A 524 9.43 7.45 51.66
N LYS A 525 10.75 7.28 51.67
CA LYS A 525 11.39 6.08 51.15
C LYS A 525 12.45 5.57 52.12
N LEU A 533 10.09 20.24 56.04
CA LEU A 533 9.66 21.54 55.49
C LEU A 533 10.80 22.54 55.25
N LYS A 534 11.50 22.89 56.33
CA LYS A 534 12.61 23.82 56.21
C LYS A 534 13.68 23.25 55.28
N ASN A 535 13.90 21.93 55.36
CA ASN A 535 14.87 21.29 54.48
C ASN A 535 14.36 21.16 53.05
N ILE A 536 13.05 20.96 52.88
CA ILE A 536 12.54 20.97 51.51
C ILE A 536 12.84 22.31 50.86
N ARG A 537 12.41 23.39 51.53
CA ARG A 537 12.57 24.73 50.96
C ARG A 537 14.03 25.09 50.78
N LYS A 538 14.86 24.86 51.82
CA LYS A 538 16.29 25.04 51.70
C LYS A 538 16.86 24.36 50.45
N PHE A 539 16.47 23.10 50.22
CA PHE A 539 16.98 22.37 49.07
C PHE A 539 16.49 23.00 47.78
N LEU A 540 15.26 23.52 47.79
CA LEU A 540 14.69 24.16 46.61
C LEU A 540 15.38 25.48 46.31
N ILE A 541 15.60 26.31 47.33
CA ILE A 541 16.36 27.54 47.11
C ILE A 541 17.73 27.20 46.56
N SER A 542 18.28 26.05 46.93
CA SER A 542 19.57 25.63 46.39
C SER A 542 19.54 25.60 44.87
N LYS A 543 18.47 25.06 44.29
CA LYS A 543 18.30 25.08 42.84
C LYS A 543 17.34 26.19 42.39
N ALA A 546 12.76 28.98 41.51
CA ALA A 546 12.08 30.27 41.60
C ALA A 546 11.37 30.41 42.93
N HIS A 547 11.78 31.44 43.69
CA HIS A 547 11.32 31.63 45.06
C HIS A 547 9.80 31.57 45.18
N PHE A 548 9.08 32.20 44.24
CA PHE A 548 7.62 32.21 44.34
C PHE A 548 7.00 30.83 44.12
N LYS A 549 7.81 29.78 43.95
CA LYS A 549 7.29 28.45 43.75
C LYS A 549 7.52 27.49 44.92
N ILE A 550 8.42 27.81 45.84
CA ILE A 550 8.71 26.84 46.92
C ILE A 550 7.46 26.59 47.76
N PRO A 551 7.22 25.35 48.20
CA PRO A 551 5.99 25.05 48.97
C PRO A 551 5.83 25.89 50.21
N ASP A 552 4.58 26.16 50.57
CA ASP A 552 4.25 26.82 51.82
C ASP A 552 3.96 25.86 52.96
N GLU A 553 3.60 24.60 52.65
CA GLU A 553 3.48 23.57 53.67
C GLU A 553 3.82 22.24 53.03
N ILE A 554 4.38 21.34 53.83
CA ILE A 554 4.69 19.99 53.37
C ILE A 554 3.89 19.00 54.22
N VAL A 556 4.20 14.73 54.65
CA VAL A 556 4.79 13.40 54.45
C VAL A 556 3.82 12.33 54.92
N VAL A 557 2.95 11.89 54.00
CA VAL A 557 1.99 10.85 54.32
C VAL A 557 2.46 9.56 53.65
N ALA A 558 1.74 8.47 53.89
CA ALA A 558 2.07 7.17 53.31
C ALA A 558 1.30 6.87 52.03
N ASP A 559 0.00 7.18 51.98
CA ASP A 559 -0.85 6.90 50.83
C ASP A 559 -1.49 8.18 50.32
N PHE A 560 -2.33 8.04 49.28
CA PHE A 560 -2.88 9.16 48.51
C PHE A 560 -1.76 9.95 47.85
N LYS A 561 -0.73 9.23 47.39
CA LYS A 561 0.48 9.83 46.79
C LYS A 561 0.95 11.08 47.51
N MET B 36 21.17 -0.28 -7.68
CA MET B 36 19.86 -0.69 -8.18
C MET B 36 19.90 -2.05 -8.90
N PHE B 37 18.83 -2.84 -8.72
CA PHE B 37 18.75 -4.16 -9.34
C PHE B 37 18.75 -4.07 -10.86
N ILE B 38 18.02 -3.10 -11.42
CA ILE B 38 17.90 -3.01 -12.86
C ILE B 38 19.27 -2.82 -13.53
N GLU B 39 20.19 -2.12 -12.87
CA GLU B 39 21.53 -2.00 -13.42
C GLU B 39 22.14 -3.38 -13.69
N GLN B 40 22.13 -4.25 -12.68
CA GLN B 40 22.68 -5.60 -12.83
C GLN B 40 21.89 -6.43 -13.81
N ASP B 41 20.57 -6.19 -13.90
CA ASP B 41 19.72 -6.99 -14.75
C ASP B 41 19.98 -6.73 -16.23
N ILE B 42 20.32 -5.49 -16.59
CA ILE B 42 20.64 -5.19 -17.98
C ILE B 42 21.87 -5.98 -18.42
N GLN B 43 22.94 -5.96 -17.61
CA GLN B 43 24.15 -6.73 -17.94
C GLN B 43 23.84 -8.22 -18.06
N LEU B 44 22.85 -8.71 -17.33
CA LEU B 44 22.49 -10.13 -17.35
C LEU B 44 21.56 -10.50 -18.50
N GLY B 45 21.11 -9.56 -19.32
CA GLY B 45 20.26 -9.89 -20.45
C GLY B 45 18.87 -9.30 -20.46
N TYR B 46 18.59 -8.33 -19.59
CA TYR B 46 17.28 -7.70 -19.53
C TYR B 46 17.23 -6.48 -20.46
N VAL B 47 16.26 -6.48 -21.37
CA VAL B 47 16.04 -5.34 -22.26
C VAL B 47 14.94 -4.48 -21.65
N PRO B 48 15.24 -3.32 -21.08
CA PRO B 48 14.22 -2.58 -20.32
C PRO B 48 13.26 -1.81 -21.23
N PHE B 49 12.22 -1.26 -20.60
CA PHE B 49 11.37 -0.32 -21.33
C PHE B 49 12.16 0.96 -21.63
N PRO B 50 12.04 1.52 -22.84
CA PRO B 50 12.76 2.77 -23.15
C PRO B 50 12.36 3.89 -22.21
N LYS B 51 13.26 4.87 -22.04
CA LYS B 51 13.08 5.85 -20.98
C LYS B 51 11.73 6.56 -21.11
N SER B 52 11.38 7.00 -22.33
CA SER B 52 10.20 7.84 -22.52
C SER B 52 8.90 7.05 -22.43
N ARG B 53 8.85 5.85 -23.04
CA ARG B 53 7.65 5.04 -22.91
C ARG B 53 7.38 4.72 -21.45
N ALA B 54 8.43 4.38 -20.69
CA ALA B 54 8.28 4.09 -19.27
C ALA B 54 7.72 5.28 -18.51
N GLN B 55 8.22 6.49 -18.81
CA GLN B 55 7.73 7.68 -18.15
C GLN B 55 6.25 7.90 -18.46
N GLN B 56 5.85 7.71 -19.72
CA GLN B 56 4.44 7.86 -20.06
C GLN B 56 3.59 6.84 -19.33
N TYR B 57 4.06 5.59 -19.26
CA TYR B 57 3.33 4.56 -18.52
C TYR B 57 3.25 4.91 -17.03
N ARG B 58 4.28 5.58 -16.50
CA ARG B 58 4.22 6.13 -15.15
C ARG B 58 3.18 7.22 -15.05
N ASP B 59 3.26 8.23 -15.93
CA ASP B 59 2.47 9.45 -15.79
C ASP B 59 0.99 9.20 -16.05
N GLU B 60 0.66 8.33 -17.00
CA GLU B 60 -0.73 8.11 -17.39
C GLU B 60 -1.39 6.99 -16.61
N GLY B 61 -0.75 6.47 -15.56
CA GLY B 61 -1.43 5.63 -14.60
C GLY B 61 -1.46 4.15 -14.91
N CYS B 62 -0.60 3.66 -15.79
CA CYS B 62 -0.55 2.23 -16.05
C CYS B 62 0.30 1.52 -15.00
N TRP B 63 1.50 2.02 -14.75
CA TRP B 63 2.37 1.39 -13.77
C TRP B 63 2.02 1.92 -12.39
N LYS B 64 1.55 1.03 -11.51
CA LYS B 64 1.30 1.34 -10.12
C LYS B 64 2.54 0.98 -9.29
N SER B 65 2.43 1.12 -7.96
CA SER B 65 3.60 1.15 -7.10
C SER B 65 3.78 -0.11 -6.27
N GLN B 66 2.97 -1.13 -6.48
CA GLN B 66 3.01 -2.33 -5.67
C GLN B 66 3.75 -3.47 -6.37
N THR B 67 4.63 -4.16 -5.65
CA THR B 67 5.10 -5.47 -6.08
C THR B 67 3.98 -6.51 -5.89
N HIS B 68 4.26 -7.76 -6.28
CA HIS B 68 3.29 -8.85 -6.11
C HIS B 68 3.00 -9.12 -4.64
N PHE B 69 4.03 -9.14 -3.80
CA PHE B 69 3.81 -9.45 -2.39
C PHE B 69 3.17 -8.27 -1.66
N GLN B 70 3.57 -7.04 -1.98
CA GLN B 70 2.90 -5.87 -1.42
C GLN B 70 1.41 -5.89 -1.77
N LEU B 71 1.08 -6.28 -3.00
CA LEU B 71 -0.33 -6.42 -3.38
C LEU B 71 -1.03 -7.50 -2.55
N LEU B 72 -0.40 -8.67 -2.38
CA LEU B 72 -0.99 -9.65 -1.47
C LEU B 72 -1.17 -9.05 -0.07
N ALA B 73 -0.15 -8.34 0.42
CA ALA B 73 -0.26 -7.68 1.71
C ALA B 73 -1.46 -6.74 1.75
N SER B 74 -1.72 -6.06 0.65
CA SER B 74 -2.92 -5.23 0.56
C SER B 74 -4.18 -6.08 0.63
N LEU B 75 -4.15 -7.27 0.04
CA LEU B 75 -5.33 -8.09 -0.08
C LEU B 75 -5.71 -8.72 1.26
N LYS B 76 -4.73 -9.18 2.03
CA LYS B 76 -5.05 -9.73 3.34
C LYS B 76 -5.58 -8.66 4.27
N ASP B 77 -5.17 -7.40 4.06
CA ASP B 77 -5.68 -6.31 4.90
C ASP B 77 -7.13 -5.96 4.55
N ARG B 78 -7.50 -6.06 3.28
CA ARG B 78 -8.88 -5.82 2.85
C ARG B 78 -9.76 -7.05 3.04
N PHE B 79 -9.23 -8.23 2.72
CA PHE B 79 -10.04 -9.43 2.56
C PHE B 79 -9.56 -10.59 3.42
N ALA B 80 -9.25 -10.35 4.69
CA ALA B 80 -8.52 -11.34 5.47
C ALA B 80 -9.26 -12.68 5.52
N GLN B 81 -10.53 -12.66 5.91
CA GLN B 81 -11.28 -13.89 6.18
C GLN B 81 -12.00 -14.45 4.97
N ARG B 82 -12.06 -13.73 3.86
CA ARG B 82 -12.64 -14.30 2.66
C ARG B 82 -11.78 -15.47 2.19
N VAL B 83 -12.42 -16.48 1.62
CA VAL B 83 -11.70 -17.65 1.11
C VAL B 83 -11.10 -17.29 -0.24
N ALA B 84 -9.78 -17.42 -0.35
CA ALA B 84 -9.07 -17.13 -1.58
C ALA B 84 -9.00 -18.34 -2.49
N VAL B 85 -8.85 -19.53 -1.91
CA VAL B 85 -8.62 -20.74 -2.68
C VAL B 85 -9.25 -21.92 -1.97
N ILE B 86 -9.91 -22.76 -2.78
CA ILE B 86 -10.41 -24.07 -2.38
C ILE B 86 -9.82 -25.10 -3.33
N GLN B 87 -9.30 -26.19 -2.78
CA GLN B 87 -8.93 -27.36 -3.56
C GLN B 87 -9.29 -28.58 -2.74
N ASP B 88 -10.17 -29.42 -3.26
CA ASP B 88 -10.69 -30.56 -2.50
C ASP B 88 -11.15 -30.10 -1.13
N ASP B 89 -10.64 -30.72 -0.06
CA ASP B 89 -11.04 -30.36 1.29
C ASP B 89 -10.10 -29.36 1.96
N LYS B 90 -9.34 -28.61 1.16
CA LYS B 90 -8.38 -27.63 1.66
C LYS B 90 -8.72 -26.25 1.15
N GLN B 91 -8.41 -25.25 1.95
CA GLN B 91 -8.70 -23.90 1.49
C GLN B 91 -7.80 -22.92 2.23
N LEU B 92 -7.57 -21.80 1.59
CA LEU B 92 -6.84 -20.70 2.17
C LEU B 92 -7.73 -19.47 2.20
N THR B 93 -7.88 -18.87 3.37
CA THR B 93 -8.32 -17.48 3.40
C THR B 93 -7.19 -16.59 2.86
N TYR B 94 -7.49 -15.30 2.71
CA TYR B 94 -6.42 -14.41 2.30
C TYR B 94 -5.40 -14.24 3.42
N GLN B 95 -5.84 -14.31 4.67
CA GLN B 95 -4.93 -14.26 5.81
C GLN B 95 -3.95 -15.43 5.78
N GLN B 96 -4.49 -16.65 5.74
CA GLN B 96 -3.63 -17.84 5.73
C GLN B 96 -2.70 -17.85 4.53
N LEU B 97 -3.20 -17.45 3.36
CA LEU B 97 -2.31 -17.38 2.21
C LEU B 97 -1.15 -16.44 2.48
N TYR B 98 -1.43 -15.28 3.07
CA TYR B 98 -0.37 -14.37 3.48
C TYR B 98 0.59 -15.04 4.44
N ASP B 99 0.07 -15.56 5.56
CA ASP B 99 0.95 -16.13 6.58
C ASP B 99 1.73 -17.33 6.03
N TYR B 100 1.10 -18.16 5.21
CA TYR B 100 1.83 -19.31 4.66
C TYR B 100 2.93 -18.85 3.73
N ALA B 101 2.68 -17.78 2.97
CA ALA B 101 3.72 -17.22 2.10
C ALA B 101 4.89 -16.68 2.90
N ILE B 102 4.60 -15.89 3.95
CA ILE B 102 5.64 -15.36 4.83
C ILE B 102 6.46 -16.49 5.41
N HIS B 103 5.78 -17.52 5.92
CA HIS B 103 6.47 -18.66 6.53
C HIS B 103 7.35 -19.36 5.51
N TYR B 104 6.82 -19.60 4.31
CA TYR B 104 7.62 -20.25 3.28
C TYR B 104 8.78 -19.37 2.82
N GLY B 105 8.55 -18.06 2.68
CA GLY B 105 9.64 -17.18 2.29
C GLY B 105 10.76 -17.19 3.30
N THR B 106 10.41 -17.29 4.59
CA THR B 106 11.40 -17.38 5.67
C THR B 106 12.21 -18.66 5.59
N TYR B 107 11.55 -19.77 5.23
CA TYR B 107 12.28 -21.01 5.04
C TYR B 107 13.25 -20.88 3.87
N LEU B 108 12.78 -20.33 2.75
CA LEU B 108 13.68 -20.13 1.62
C LEU B 108 14.87 -19.26 2.00
N LYS B 109 14.62 -18.13 2.71
CA LYS B 109 15.71 -17.23 3.11
C LYS B 109 16.70 -17.95 4.01
N GLN B 110 16.19 -18.62 5.05
CA GLN B 110 16.99 -19.48 5.91
C GLN B 110 17.70 -20.58 5.14
N GLN B 111 17.21 -20.95 3.96
CA GLN B 111 17.86 -21.98 3.17
C GLN B 111 18.91 -21.43 2.22
N GLY B 112 18.93 -20.11 2.00
CA GLY B 112 19.95 -19.47 1.19
C GLY B 112 19.47 -18.81 -0.08
N ILE B 113 18.16 -18.78 -0.35
CA ILE B 113 17.65 -18.06 -1.51
C ILE B 113 17.66 -16.58 -1.21
N ARG B 114 18.01 -15.77 -2.23
CA ARG B 114 18.27 -14.35 -2.07
C ARG B 114 17.45 -13.53 -3.06
N GLU B 115 17.32 -12.24 -2.74
CA GLU B 115 16.56 -11.37 -3.60
C GLU B 115 17.20 -11.34 -5.00
N THR B 116 16.36 -11.40 -6.02
CA THR B 116 16.73 -11.44 -7.44
C THR B 116 17.30 -12.79 -7.93
N ASP B 117 17.41 -13.81 -7.08
CA ASP B 117 17.64 -15.17 -7.56
C ASP B 117 16.42 -15.67 -8.34
N PHE B 118 16.67 -16.30 -9.49
CA PHE B 118 15.61 -16.97 -10.23
C PHE B 118 15.47 -18.40 -9.72
N VAL B 119 14.23 -18.84 -9.57
CA VAL B 119 13.94 -20.15 -9.02
C VAL B 119 12.89 -20.77 -9.93
N LEU B 120 13.28 -21.83 -10.64
CA LEU B 120 12.35 -22.53 -11.53
C LEU B 120 11.21 -23.08 -10.71
N LEU B 121 10.02 -23.06 -11.28
CA LEU B 121 8.82 -23.47 -10.58
C LEU B 121 7.99 -24.33 -11.52
N GLN B 122 7.69 -25.54 -11.07
CA GLN B 122 6.86 -26.48 -11.81
C GLN B 122 5.87 -27.11 -10.84
N SER B 123 4.62 -27.22 -11.27
CA SER B 123 3.59 -27.59 -10.33
C SER B 123 2.34 -27.99 -11.07
N PRO B 124 1.62 -29.02 -10.62
CA PRO B 124 0.23 -29.23 -11.07
C PRO B 124 -0.71 -28.22 -10.42
N ASN B 125 -2.03 -28.43 -10.57
CA ASN B 125 -3.03 -27.51 -10.04
C ASN B 125 -3.39 -27.89 -8.60
N VAL B 126 -2.43 -27.71 -7.70
CA VAL B 126 -2.63 -27.94 -6.27
C VAL B 126 -2.54 -26.61 -5.53
N ILE B 127 -3.18 -26.56 -4.37
CA ILE B 127 -3.33 -25.33 -3.60
C ILE B 127 -1.98 -24.80 -3.08
N GLU B 128 -1.02 -25.69 -2.82
CA GLU B 128 0.25 -25.24 -2.26
C GLU B 128 1.06 -24.38 -3.24
N VAL B 129 0.71 -24.38 -4.53
CA VAL B 129 1.47 -23.58 -5.50
C VAL B 129 1.33 -22.07 -5.21
N PHE B 130 0.18 -21.63 -4.71
CA PHE B 130 0.05 -20.21 -4.38
C PHE B 130 0.93 -19.80 -3.20
N ILE B 131 1.20 -20.73 -2.28
CA ILE B 131 2.09 -20.43 -1.16
C ILE B 131 3.53 -20.29 -1.63
N VAL B 132 3.97 -21.19 -2.51
CA VAL B 132 5.34 -21.16 -3.02
C VAL B 132 5.60 -19.91 -3.85
N ILE B 133 4.63 -19.54 -4.70
CA ILE B 133 4.77 -18.35 -5.55
C ILE B 133 4.92 -17.10 -4.70
N PHE B 134 4.02 -16.91 -3.74
CA PHE B 134 4.08 -15.72 -2.91
C PHE B 134 5.19 -15.81 -1.87
N GLY B 135 5.59 -17.02 -1.47
CA GLY B 135 6.80 -17.13 -0.66
C GLY B 135 8.02 -16.61 -1.41
N LEU B 136 8.19 -17.03 -2.66
CA LEU B 136 9.22 -16.46 -3.52
C LEU B 136 9.09 -14.94 -3.58
N TYR B 137 7.92 -14.44 -3.94
CA TYR B 137 7.74 -12.99 -4.03
C TYR B 137 8.06 -12.31 -2.69
N ALA B 138 7.75 -12.99 -1.57
CA ALA B 138 7.94 -12.43 -0.24
C ALA B 138 9.39 -12.01 0.04
N ILE B 139 10.37 -12.75 -0.47
CA ILE B 139 11.78 -12.44 -0.30
C ILE B 139 12.39 -11.81 -1.57
N GLY B 140 11.57 -11.32 -2.50
CA GLY B 140 12.14 -10.73 -3.69
C GLY B 140 12.72 -11.70 -4.69
N ALA B 141 12.64 -13.00 -4.42
CA ALA B 141 13.05 -14.02 -5.37
C ALA B 141 12.09 -14.01 -6.58
N ARG B 142 12.59 -14.52 -7.70
CA ARG B 142 11.92 -14.38 -8.99
C ARG B 142 11.51 -15.74 -9.54
N PRO B 143 10.23 -16.08 -9.51
CA PRO B 143 9.80 -17.35 -10.10
C PRO B 143 10.14 -17.42 -11.58
N VAL B 144 10.45 -18.64 -12.03
CA VAL B 144 10.51 -18.98 -13.45
C VAL B 144 9.43 -20.03 -13.65
N PHE B 145 8.30 -19.62 -14.23
CA PHE B 145 7.13 -20.46 -14.36
C PHE B 145 7.31 -21.44 -15.52
N CYS B 146 7.18 -22.73 -15.24
CA CYS B 146 7.44 -23.80 -16.19
C CYS B 146 6.21 -24.69 -16.31
N LEU B 147 5.74 -24.90 -17.55
CA LEU B 147 4.64 -25.82 -17.79
C LEU B 147 5.11 -27.26 -17.65
N HIS B 148 4.12 -28.14 -17.47
CA HIS B 148 4.37 -29.57 -17.31
C HIS B 148 4.92 -30.22 -18.57
N GLY B 149 4.62 -29.68 -19.74
CA GLY B 149 5.23 -30.19 -20.95
C GLY B 149 6.73 -30.05 -21.03
N HIS B 150 7.39 -29.53 -19.98
CA HIS B 150 8.84 -29.36 -19.99
C HIS B 150 9.48 -30.51 -19.23
N GLY B 151 10.26 -31.32 -19.94
CA GLY B 151 11.00 -32.41 -19.34
C GLY B 151 12.38 -31.96 -18.89
N SER B 152 13.22 -32.97 -18.59
CA SER B 152 14.57 -32.68 -18.13
C SER B 152 15.32 -31.81 -19.12
N TYR B 153 15.18 -32.09 -20.41
CA TYR B 153 15.86 -31.32 -21.45
C TYR B 153 15.51 -29.85 -21.34
N GLU B 154 14.21 -29.54 -21.37
CA GLU B 154 13.74 -28.15 -21.29
C GLU B 154 14.22 -27.48 -20.01
N ILE B 155 14.03 -28.14 -18.87
CA ILE B 155 14.40 -27.56 -17.58
C ILE B 155 15.88 -27.21 -17.57
N GLU B 156 16.72 -28.10 -18.10
CA GLU B 156 18.15 -27.89 -18.07
C GLU B 156 18.53 -26.60 -18.80
N ASN B 157 17.89 -26.34 -19.95
CA ASN B 157 18.25 -25.18 -20.75
C ASN B 157 17.65 -23.91 -20.16
N ILE B 158 16.44 -24.00 -19.61
CA ILE B 158 15.83 -22.86 -18.92
C ILE B 158 16.66 -22.48 -17.70
N ALA B 159 17.17 -23.48 -16.98
CA ALA B 159 18.00 -23.22 -15.80
C ALA B 159 19.29 -22.49 -16.17
N ARG B 160 19.97 -22.93 -17.25
CA ARG B 160 21.20 -22.25 -17.66
C ARG B 160 20.90 -20.86 -18.20
N GLN B 161 19.95 -20.75 -19.13
CA GLN B 161 19.61 -19.46 -19.72
C GLN B 161 19.32 -18.41 -18.65
N SER B 162 18.63 -18.82 -17.59
CA SER B 162 18.21 -17.91 -16.54
C SER B 162 19.20 -17.86 -15.38
N ARG B 163 20.26 -18.67 -15.41
CA ARG B 163 21.20 -18.72 -14.29
C ARG B 163 20.45 -18.94 -12.98
N ALA B 164 19.44 -19.80 -13.00
CA ALA B 164 18.60 -19.98 -11.83
C ALA B 164 19.37 -20.65 -10.70
N VAL B 165 19.05 -20.26 -9.47
CA VAL B 165 19.71 -20.89 -8.32
C VAL B 165 18.88 -22.06 -7.77
N GLY B 166 17.60 -22.14 -8.09
CA GLY B 166 16.76 -23.16 -7.50
C GLY B 166 15.78 -23.73 -8.51
N PHE B 167 15.24 -24.89 -8.15
CA PHE B 167 14.18 -25.57 -8.89
C PHE B 167 13.23 -26.13 -7.86
N LEU B 168 11.98 -25.69 -7.92
CA LEU B 168 10.92 -26.15 -7.05
C LEU B 168 9.93 -26.92 -7.91
N LYS B 169 9.81 -28.21 -7.67
CA LYS B 169 8.89 -29.06 -8.40
C LYS B 169 7.83 -29.56 -7.43
N LEU B 170 6.61 -29.07 -7.59
CA LEU B 170 5.47 -29.59 -6.85
C LEU B 170 4.93 -30.83 -7.57
N CYS B 171 4.43 -31.78 -6.77
CA CYS B 171 3.99 -33.06 -7.30
C CYS B 171 2.70 -33.43 -6.58
N GLY B 172 1.78 -34.07 -7.32
CA GLY B 172 0.53 -34.56 -6.76
C GLY B 172 0.61 -35.91 -6.04
N SER B 173 1.77 -36.56 -6.03
CA SER B 173 1.92 -37.88 -5.42
C SER B 173 3.38 -38.10 -5.08
N ALA B 174 3.62 -38.96 -4.08
CA ALA B 174 5.00 -39.33 -3.79
C ALA B 174 5.68 -40.05 -4.95
N ASN B 175 4.92 -40.48 -5.97
CA ASN B 175 5.46 -41.31 -7.05
C ASN B 175 5.93 -40.52 -8.27
N GLU B 176 5.47 -39.28 -8.45
CA GLU B 176 5.99 -38.46 -9.53
C GLU B 176 7.50 -38.29 -9.38
N SER B 177 8.13 -37.80 -10.43
CA SER B 177 9.55 -37.48 -10.33
C SER B 177 9.73 -36.20 -9.54
N THR B 178 10.73 -36.20 -8.66
CA THR B 178 11.04 -35.05 -7.83
C THR B 178 11.99 -34.13 -8.59
N ALA B 179 12.34 -32.99 -7.97
CA ALA B 179 13.22 -32.04 -8.65
C ALA B 179 14.63 -32.61 -8.84
N THR B 180 15.11 -33.45 -7.93
CA THR B 180 16.43 -34.01 -8.14
C THR B 180 16.41 -35.14 -9.17
N ASP B 181 15.31 -35.90 -9.26
CA ASP B 181 15.15 -36.84 -10.37
C ASP B 181 15.38 -36.16 -11.71
N VAL B 182 14.73 -35.00 -11.90
CA VAL B 182 14.84 -34.29 -13.16
C VAL B 182 16.29 -33.86 -13.39
N CYS B 183 16.90 -33.24 -12.37
CA CYS B 183 18.28 -32.77 -12.47
C CYS B 183 19.28 -33.90 -12.72
N GLU B 184 19.04 -35.10 -12.17
CA GLU B 184 19.98 -36.19 -12.41
C GLU B 184 20.02 -36.62 -13.87
N GLU B 185 19.06 -36.19 -14.68
CA GLU B 185 18.98 -36.44 -16.11
C GLU B 185 19.64 -35.36 -16.96
N PHE B 186 20.06 -34.23 -16.36
CA PHE B 186 20.81 -33.21 -17.08
C PHE B 186 22.01 -33.83 -17.81
N SER B 187 22.28 -33.34 -19.02
CA SER B 187 23.43 -33.81 -19.79
C SER B 187 24.75 -33.44 -19.14
N LYS B 188 24.88 -32.20 -18.65
CA LYS B 188 26.02 -31.70 -17.90
C LYS B 188 25.54 -31.25 -16.53
N PRO B 189 26.39 -31.29 -15.51
CA PRO B 189 25.93 -30.84 -14.18
C PRO B 189 25.64 -29.35 -14.16
N ASN B 190 24.78 -28.95 -13.23
CA ASN B 190 24.53 -27.54 -12.95
C ASN B 190 24.80 -27.28 -11.47
N PHE B 191 26.00 -26.77 -11.17
CA PHE B 191 26.37 -26.50 -9.78
C PHE B 191 25.69 -25.25 -9.24
N LYS B 192 25.42 -24.26 -10.11
CA LYS B 192 24.76 -23.06 -9.62
C LYS B 192 23.33 -23.35 -9.17
N LEU B 193 22.63 -24.29 -9.83
CA LEU B 193 21.29 -24.67 -9.40
C LEU B 193 21.43 -25.66 -8.24
N TRP B 194 21.62 -25.11 -7.04
CA TRP B 194 21.92 -25.96 -5.89
C TRP B 194 20.69 -26.23 -5.02
N PHE B 195 19.70 -25.34 -5.06
CA PHE B 195 18.45 -25.55 -4.32
C PHE B 195 17.50 -26.35 -5.20
N ARG B 196 17.39 -27.65 -4.93
CA ARG B 196 16.54 -28.57 -5.69
C ARG B 196 15.55 -29.23 -4.73
N GLU B 197 14.31 -28.74 -4.73
CA GLU B 197 13.33 -29.13 -3.73
C GLU B 197 12.00 -29.54 -4.38
N SER B 198 11.43 -30.61 -3.83
CA SER B 198 10.14 -31.15 -4.24
C SER B 198 9.15 -31.01 -3.08
N ILE B 199 7.89 -30.79 -3.44
CA ILE B 199 6.81 -30.66 -2.48
C ILE B 199 5.71 -31.62 -2.91
N VAL B 200 5.26 -32.47 -1.98
CA VAL B 200 4.18 -33.42 -2.24
C VAL B 200 2.87 -32.88 -1.66
N SER B 201 1.90 -32.61 -2.53
CA SER B 201 0.60 -32.12 -2.08
C SER B 201 -0.19 -33.24 -1.40
N ARG B 202 -0.53 -33.03 -0.13
CA ARG B 202 -1.23 -34.01 0.69
C ARG B 202 -2.61 -33.51 1.10
N SER B 203 -3.21 -34.21 2.07
CA SER B 203 -4.60 -33.96 2.44
C SER B 203 -4.76 -32.61 3.09
N SER B 204 -3.79 -32.22 3.92
CA SER B 204 -3.79 -30.93 4.59
C SER B 204 -2.59 -30.13 4.10
N ILE B 205 -2.79 -28.81 3.99
CA ILE B 205 -1.67 -27.94 3.63
C ILE B 205 -0.50 -28.18 4.57
N GLU B 206 -0.80 -28.37 5.86
CA GLU B 206 0.26 -28.54 6.87
C GLU B 206 1.18 -29.69 6.52
N ALA B 207 0.62 -30.87 6.22
CA ALA B 207 1.42 -32.03 5.82
C ALA B 207 2.09 -31.87 4.47
N SER B 208 1.73 -30.85 3.67
CA SER B 208 2.42 -30.63 2.40
C SER B 208 3.73 -29.90 2.56
N LEU B 209 3.93 -29.19 3.67
CA LEU B 209 5.07 -28.29 3.85
C LEU B 209 5.78 -28.58 5.17
N PRO B 210 6.30 -29.79 5.35
CA PRO B 210 6.98 -30.14 6.61
C PRO B 210 8.21 -29.29 6.86
N GLN B 211 8.79 -28.71 5.81
CA GLN B 211 9.92 -27.80 5.96
C GLN B 211 9.60 -26.66 6.90
N LEU B 212 8.33 -26.25 6.98
CA LEU B 212 7.98 -25.12 7.84
C LEU B 212 8.20 -25.44 9.31
N GLN B 213 8.14 -26.72 9.68
CA GLN B 213 8.22 -27.11 11.09
C GLN B 213 9.36 -26.41 11.81
N GLY B 214 10.57 -26.46 11.25
CA GLY B 214 11.73 -25.91 11.94
C GLY B 214 12.10 -24.48 11.57
N VAL B 215 11.12 -23.68 11.19
CA VAL B 215 11.33 -22.30 10.80
C VAL B 215 10.40 -21.42 11.62
N ALA B 216 10.97 -20.54 12.43
CA ALA B 216 10.18 -19.48 13.06
C ALA B 216 9.80 -18.44 12.01
N PRO B 217 8.51 -18.21 11.74
CA PRO B 217 8.15 -17.25 10.69
C PRO B 217 8.63 -15.83 11.02
N ALA B 218 9.12 -15.14 9.98
CA ALA B 218 9.69 -13.81 10.18
C ALA B 218 8.67 -12.69 10.01
N ASN B 220 8.49 -8.63 7.81
CA ASN B 220 9.81 -8.60 8.44
C ASN B 220 10.88 -9.19 7.52
N LEU B 221 10.46 -9.61 6.32
CA LEU B 221 11.40 -10.18 5.36
C LEU B 221 12.09 -9.11 4.53
N ARG B 222 11.73 -7.84 4.71
CA ARG B 222 12.47 -6.68 4.24
C ARG B 222 12.99 -6.86 2.81
N ALA B 223 12.08 -7.16 1.89
CA ALA B 223 12.44 -7.20 0.47
C ALA B 223 12.57 -5.79 -0.08
N GLN B 224 13.44 -5.63 -1.07
CA GLN B 224 13.87 -4.32 -1.55
C GLN B 224 13.38 -3.99 -2.95
N SER B 225 12.85 -4.98 -3.68
CA SER B 225 12.41 -4.75 -5.04
C SER B 225 11.33 -3.66 -5.08
N GLU B 226 11.41 -2.80 -6.08
CA GLU B 226 10.33 -1.88 -6.38
C GLU B 226 9.44 -2.48 -7.47
N SER B 227 8.26 -1.90 -7.64
CA SER B 227 7.29 -2.46 -8.57
C SER B 227 7.83 -2.51 -9.99
N GLU B 228 8.73 -1.60 -10.37
CA GLU B 228 9.24 -1.63 -11.73
C GLU B 228 10.37 -2.62 -11.93
N ASP B 229 10.76 -3.37 -10.91
CA ASP B 229 11.78 -4.38 -11.07
C ASP B 229 11.20 -5.64 -11.69
N ILE B 230 12.09 -6.52 -12.18
CA ILE B 230 11.63 -7.79 -12.72
C ILE B 230 10.97 -8.58 -11.60
N ALA B 231 9.82 -9.17 -11.88
CA ALA B 231 9.15 -10.06 -10.93
C ALA B 231 9.33 -11.54 -11.26
N PHE B 232 9.33 -11.91 -12.54
CA PHE B 232 9.43 -13.32 -12.87
C PHE B 232 9.75 -13.47 -14.35
N LEU B 233 10.06 -14.70 -14.74
CA LEU B 233 10.20 -15.09 -16.13
C LEU B 233 9.10 -16.10 -16.48
N GLN B 234 8.48 -15.89 -17.65
CA GLN B 234 7.65 -16.87 -18.33
C GLN B 234 8.41 -17.45 -19.51
N LEU B 235 7.86 -18.49 -20.10
CA LEU B 235 8.39 -19.09 -21.32
C LEU B 235 7.45 -18.78 -22.47
N SER B 236 8.01 -18.55 -23.65
CA SER B 236 7.13 -18.31 -24.78
C SER B 236 6.44 -19.62 -25.18
N GLY B 237 5.23 -19.48 -25.68
CA GLY B 237 4.52 -20.65 -26.15
C GLY B 237 5.19 -21.32 -27.34
N GLY B 238 4.74 -22.54 -27.62
CA GLY B 238 5.27 -23.33 -28.72
C GLY B 238 6.54 -24.07 -28.35
N GLY B 241 10.21 -24.98 -30.52
CA GLY B 241 11.63 -24.81 -30.78
C GLY B 241 12.45 -24.84 -29.50
N LEU B 242 13.33 -23.78 -29.31
CA LEU B 242 14.07 -23.59 -28.07
C LEU B 242 13.25 -22.74 -27.08
N PRO B 243 13.41 -22.95 -25.78
CA PRO B 243 12.66 -22.13 -24.79
C PRO B 243 13.24 -20.72 -24.70
N LYS B 244 12.35 -19.72 -24.70
CA LYS B 244 12.71 -18.31 -24.67
C LYS B 244 12.11 -17.66 -23.44
N LEU B 245 12.95 -16.98 -22.66
CA LEU B 245 12.56 -16.48 -21.35
C LEU B 245 12.02 -15.05 -21.48
N ILE B 246 10.87 -14.80 -20.85
CA ILE B 246 10.07 -13.59 -20.95
C ILE B 246 10.11 -12.88 -19.60
N PRO B 247 10.79 -11.76 -19.47
CA PRO B 247 10.87 -11.11 -18.15
C PRO B 247 9.75 -10.11 -17.95
N ARG B 248 8.88 -10.27 -16.96
CA ARG B 248 7.84 -9.29 -16.68
C ARG B 248 8.16 -8.58 -15.38
N THR B 249 7.73 -7.32 -15.29
CA THR B 249 7.89 -6.57 -14.06
C THR B 249 6.59 -6.62 -13.26
N HIS B 250 6.70 -6.27 -11.97
CA HIS B 250 5.50 -6.23 -11.13
C HIS B 250 4.49 -5.25 -11.67
N ALA B 251 4.95 -4.01 -11.93
CA ALA B 251 4.05 -2.95 -12.32
C ALA B 251 3.36 -3.30 -13.63
N ASP B 252 4.12 -3.80 -14.62
CA ASP B 252 3.47 -4.04 -15.90
C ASP B 252 2.54 -5.25 -15.82
N TYR B 253 2.93 -6.27 -15.06
CA TYR B 253 2.04 -7.43 -14.93
C TYR B 253 0.78 -7.09 -14.16
N ILE B 254 0.95 -6.43 -13.01
CA ILE B 254 -0.20 -6.08 -12.20
C ILE B 254 -1.12 -5.17 -12.99
N TYR B 255 -0.58 -4.37 -13.92
CA TYR B 255 -1.42 -3.53 -14.75
C TYR B 255 -2.28 -4.39 -15.69
N SER B 256 -1.66 -5.35 -16.37
CA SER B 256 -2.43 -6.23 -17.24
C SER B 256 -3.52 -6.95 -16.45
N ILE B 257 -3.22 -7.38 -15.24
CA ILE B 257 -4.22 -8.02 -14.38
C ILE B 257 -5.31 -7.04 -14.00
N GLU B 258 -4.95 -5.81 -13.62
CA GLU B 258 -5.99 -4.86 -13.24
C GLU B 258 -6.94 -4.59 -14.39
N LYS B 259 -6.42 -4.45 -15.61
CA LYS B 259 -7.32 -4.24 -16.75
C LYS B 259 -8.19 -5.46 -16.99
N SER B 260 -7.59 -6.66 -16.91
CA SER B 260 -8.35 -7.89 -17.14
C SER B 260 -9.45 -8.06 -16.11
N VAL B 261 -9.19 -7.66 -14.87
CA VAL B 261 -10.27 -7.65 -13.87
C VAL B 261 -11.45 -6.86 -14.37
N ASP B 262 -11.17 -5.67 -14.95
CA ASP B 262 -12.23 -4.80 -15.44
C ASP B 262 -13.00 -5.46 -16.57
N VAL B 263 -12.30 -6.01 -17.57
CA VAL B 263 -13.01 -6.49 -18.75
C VAL B 263 -13.76 -7.78 -18.45
N ALA B 264 -13.30 -8.56 -17.48
CA ALA B 264 -13.98 -9.79 -17.13
C ALA B 264 -15.07 -9.60 -16.08
N GLY B 265 -15.25 -8.39 -15.56
CA GLY B 265 -16.25 -8.13 -14.54
C GLY B 265 -16.07 -8.84 -13.22
N LEU B 266 -14.86 -9.21 -12.85
CA LEU B 266 -14.67 -9.85 -11.56
C LEU B 266 -15.00 -8.91 -10.40
N THR B 267 -15.68 -9.46 -9.41
CA THR B 267 -15.99 -8.79 -8.16
C THR B 267 -15.58 -9.72 -7.03
N GLN B 268 -15.77 -9.26 -5.81
CA GLN B 268 -15.44 -10.09 -4.66
C GLN B 268 -16.32 -11.34 -4.59
N ASP B 269 -17.49 -11.33 -5.23
CA ASP B 269 -18.37 -12.47 -5.26
C ASP B 269 -18.00 -13.49 -6.32
N THR B 270 -17.11 -13.15 -7.25
CA THR B 270 -16.74 -14.08 -8.30
C THR B 270 -16.23 -15.39 -7.72
N LYS B 271 -16.83 -16.49 -8.15
CA LYS B 271 -16.26 -17.82 -7.99
C LYS B 271 -15.71 -18.26 -9.34
N GLN B 272 -14.45 -18.69 -9.37
CA GLN B 272 -13.77 -19.00 -10.61
C GLN B 272 -13.28 -20.44 -10.56
N LEU B 273 -13.61 -21.23 -11.58
CA LEU B 273 -13.05 -22.56 -11.71
C LEU B 273 -11.76 -22.45 -12.48
N VAL B 274 -10.69 -23.01 -11.94
CA VAL B 274 -9.41 -23.09 -12.61
C VAL B 274 -9.22 -24.52 -13.08
N VAL B 275 -9.18 -24.71 -14.39
CA VAL B 275 -8.88 -26.02 -14.95
C VAL B 275 -7.68 -26.00 -15.88
N LEU B 276 -7.27 -24.83 -16.39
CA LEU B 276 -6.05 -24.67 -17.16
C LEU B 276 -4.83 -24.78 -16.24
N PRO B 277 -3.65 -25.08 -16.79
CA PRO B 277 -2.45 -25.19 -15.93
C PRO B 277 -2.11 -23.87 -15.24
N VAL B 278 -1.87 -23.95 -13.93
CA VAL B 278 -1.60 -22.76 -13.12
C VAL B 278 -0.39 -21.98 -13.62
N MET B 279 0.57 -22.63 -14.27
CA MET B 279 1.81 -21.95 -14.66
C MET B 279 1.65 -21.14 -15.95
N HIS B 280 0.50 -21.23 -16.61
CA HIS B 280 0.25 -20.61 -17.89
C HIS B 280 -0.26 -19.18 -17.69
N ASN B 281 0.23 -18.28 -18.54
CA ASN B 281 -0.14 -16.88 -18.44
C ASN B 281 -1.67 -16.68 -18.52
N PHE B 282 -2.34 -17.43 -19.41
CA PHE B 282 -3.80 -17.33 -19.54
C PHE B 282 -4.45 -17.62 -18.19
N CYS B 283 -4.05 -18.71 -17.57
CA CYS B 283 -4.62 -19.09 -16.30
C CYS B 283 -4.19 -18.15 -15.15
N MET B 284 -3.08 -17.43 -15.30
CA MET B 284 -2.62 -16.60 -14.19
C MET B 284 -3.27 -15.23 -14.16
N SER B 285 -3.46 -14.63 -15.31
CA SER B 285 -3.71 -13.20 -15.36
C SER B 285 -4.80 -12.74 -16.32
N SER B 286 -5.40 -13.64 -17.10
CA SER B 286 -6.29 -13.25 -18.19
C SER B 286 -7.69 -13.86 -18.08
N PRO B 287 -8.44 -13.56 -17.01
CA PRO B 287 -8.06 -12.71 -15.87
C PRO B 287 -7.37 -13.52 -14.78
N GLY B 288 -7.44 -14.85 -14.88
CA GLY B 288 -6.61 -15.71 -14.08
C GLY B 288 -6.98 -15.71 -12.60
N PHE B 289 -6.25 -16.55 -11.86
CA PHE B 289 -6.46 -16.58 -10.42
C PHE B 289 -5.97 -15.30 -9.75
N LEU B 290 -4.96 -14.63 -10.33
CA LEU B 290 -4.50 -13.37 -9.76
C LEU B 290 -5.56 -12.29 -9.89
N GLY B 291 -6.29 -12.28 -11.01
CA GLY B 291 -7.43 -11.38 -11.12
C GLY B 291 -8.51 -11.67 -10.10
N VAL B 292 -8.71 -12.93 -9.74
CA VAL B 292 -9.68 -13.25 -8.69
C VAL B 292 -9.17 -12.78 -7.34
N PHE B 293 -7.90 -13.06 -7.03
CA PHE B 293 -7.31 -12.57 -5.78
C PHE B 293 -7.42 -11.06 -5.71
N TYR B 294 -7.31 -10.40 -6.86
CA TYR B 294 -7.21 -8.93 -6.94
C TYR B 294 -8.47 -8.25 -6.44
N VAL B 295 -9.62 -8.92 -6.50
CA VAL B 295 -10.88 -8.38 -6.04
C VAL B 295 -11.46 -9.19 -4.89
N GLY B 296 -10.67 -10.06 -4.28
CA GLY B 296 -11.09 -10.75 -3.08
C GLY B 296 -12.11 -11.85 -3.29
N GLY B 297 -12.20 -12.39 -4.51
CA GLY B 297 -13.04 -13.53 -4.79
C GLY B 297 -12.38 -14.85 -4.45
N THR B 298 -12.99 -15.93 -4.93
CA THR B 298 -12.60 -17.30 -4.60
C THR B 298 -12.20 -18.06 -5.85
N VAL B 299 -11.09 -18.80 -5.78
CA VAL B 299 -10.64 -19.68 -6.85
C VAL B 299 -10.93 -21.12 -6.41
N VAL B 300 -11.48 -21.91 -7.31
CA VAL B 300 -11.71 -23.33 -7.04
C VAL B 300 -10.75 -24.10 -7.94
N LEU B 301 -9.76 -24.71 -7.33
CA LEU B 301 -8.68 -25.33 -8.09
C LEU B 301 -8.98 -26.80 -8.32
N SER B 302 -8.95 -27.21 -9.58
CA SER B 302 -9.12 -28.60 -9.97
C SER B 302 -7.85 -29.09 -10.63
N GLN B 303 -7.42 -30.29 -10.24
CA GLN B 303 -6.30 -30.98 -10.87
C GLN B 303 -6.67 -31.62 -12.21
N LEU B 304 -7.96 -31.64 -12.56
CA LEU B 304 -8.44 -32.34 -13.73
C LEU B 304 -9.22 -31.40 -14.65
N THR B 305 -9.25 -31.76 -15.93
CA THR B 305 -10.17 -31.16 -16.88
C THR B 305 -11.41 -32.02 -17.09
N HIS B 306 -11.38 -33.29 -16.68
CA HIS B 306 -12.48 -34.20 -16.95
C HIS B 306 -13.82 -33.51 -16.76
N PRO B 307 -14.70 -33.62 -17.75
CA PRO B 307 -15.95 -32.83 -17.71
C PRO B 307 -16.84 -33.14 -16.53
N ARG B 308 -17.00 -34.41 -16.15
CA ARG B 308 -17.90 -34.70 -15.04
C ARG B 308 -17.42 -34.01 -13.76
N VAL B 309 -16.09 -34.00 -13.56
CA VAL B 309 -15.53 -33.45 -12.34
C VAL B 309 -15.67 -31.93 -12.31
N CYS B 310 -15.48 -31.28 -13.46
CA CYS B 310 -15.65 -29.85 -13.53
C CYS B 310 -17.13 -29.44 -13.38
N PHE B 311 -18.04 -30.19 -14.03
CA PHE B 311 -19.46 -29.89 -13.87
C PHE B 311 -19.87 -30.02 -12.41
N GLU B 312 -19.44 -31.10 -11.76
CA GLU B 312 -19.71 -31.27 -10.34
C GLU B 312 -19.20 -30.09 -9.52
N LEU B 313 -17.99 -29.61 -9.81
CA LEU B 313 -17.48 -28.47 -9.05
C LEU B 313 -18.29 -27.21 -9.34
N ILE B 314 -18.67 -26.99 -10.61
CA ILE B 314 -19.45 -25.81 -10.98
C ILE B 314 -20.79 -25.80 -10.26
N GLU B 315 -21.47 -26.94 -10.22
CA GLU B 315 -22.69 -27.00 -9.43
C GLU B 315 -22.37 -26.82 -7.95
N LYS B 316 -21.34 -27.52 -7.46
CA LYS B 316 -21.05 -27.50 -6.02
C LYS B 316 -20.79 -26.08 -5.55
N TYR B 317 -19.97 -25.33 -6.27
CA TYR B 317 -19.52 -24.04 -5.77
C TYR B 317 -20.19 -22.86 -6.44
N GLN B 318 -21.15 -23.09 -7.33
CA GLN B 318 -21.80 -22.01 -8.06
C GLN B 318 -20.78 -21.15 -8.80
N ILE B 319 -19.93 -21.81 -9.59
CA ILE B 319 -18.95 -21.11 -10.41
C ILE B 319 -19.64 -20.20 -11.41
N GLN B 320 -19.15 -18.97 -11.54
CA GLN B 320 -19.68 -18.06 -12.55
C GLN B 320 -18.76 -17.85 -13.75
N GLN B 321 -17.45 -18.00 -13.58
CA GLN B 321 -16.49 -17.81 -14.66
C GLN B 321 -15.55 -19.01 -14.74
N VAL B 322 -15.17 -19.38 -15.96
CA VAL B 322 -14.10 -20.36 -16.17
C VAL B 322 -13.40 -20.00 -17.47
N SER B 323 -12.11 -20.27 -17.52
CA SER B 323 -11.26 -20.06 -18.69
C SER B 323 -10.90 -21.41 -19.29
N LEU B 324 -11.05 -21.54 -20.61
CA LEU B 324 -10.75 -22.79 -21.30
C LEU B 324 -10.03 -22.48 -22.59
N VAL B 325 -9.48 -23.54 -23.20
CA VAL B 325 -8.95 -23.49 -24.57
C VAL B 325 -9.95 -24.23 -25.45
N PRO B 326 -9.91 -24.04 -26.76
CA PRO B 326 -10.93 -24.65 -27.62
C PRO B 326 -11.10 -26.15 -27.38
N ALA B 327 -9.99 -26.90 -27.20
CA ALA B 327 -10.06 -28.36 -27.13
C ALA B 327 -10.80 -28.84 -25.89
N ILE B 328 -10.74 -28.07 -24.80
CA ILE B 328 -11.43 -28.43 -23.57
C ILE B 328 -12.91 -28.09 -23.68
N ALA B 329 -13.23 -26.97 -24.29
CA ALA B 329 -14.62 -26.67 -24.60
C ALA B 329 -15.26 -27.80 -25.39
N THR B 330 -14.53 -28.36 -26.36
CA THR B 330 -15.06 -29.47 -27.15
C THR B 330 -15.37 -30.69 -26.27
N LEU B 331 -14.47 -31.02 -25.34
CA LEU B 331 -14.70 -32.15 -24.45
C LEU B 331 -15.95 -31.95 -23.61
N TRP B 332 -16.10 -30.76 -23.03
CA TRP B 332 -17.27 -30.45 -22.22
C TRP B 332 -18.56 -30.58 -23.05
N LEU B 333 -18.58 -29.97 -24.24
CA LEU B 333 -19.78 -30.00 -25.07
C LEU B 333 -20.16 -31.42 -25.48
N ASN B 334 -19.18 -32.31 -25.62
CA ASN B 334 -19.46 -33.70 -25.99
C ASN B 334 -19.52 -34.61 -24.80
N ALA B 335 -19.47 -34.07 -23.58
CA ALA B 335 -19.58 -34.91 -22.40
C ALA B 335 -20.97 -35.51 -22.28
N GLU B 336 -21.01 -36.77 -21.85
CA GLU B 336 -22.29 -37.44 -21.60
C GLU B 336 -22.97 -36.91 -20.35
N SER B 337 -22.18 -36.51 -19.35
CA SER B 337 -22.67 -35.98 -18.09
C SER B 337 -23.08 -34.52 -18.16
N LEU B 338 -22.96 -33.88 -19.33
CA LEU B 338 -23.27 -32.45 -19.45
C LEU B 338 -24.68 -32.14 -18.96
N LYS B 339 -25.60 -33.07 -19.09
CA LYS B 339 -26.99 -32.86 -18.70
C LYS B 339 -27.28 -33.30 -17.27
N ASP B 340 -26.29 -33.73 -16.51
CA ASP B 340 -26.53 -34.29 -15.20
C ASP B 340 -26.29 -33.31 -14.08
N TYR B 341 -25.74 -32.15 -14.37
CA TYR B 341 -25.32 -31.18 -13.38
C TYR B 341 -25.96 -29.84 -13.70
N ASP B 342 -26.27 -29.09 -12.65
CA ASP B 342 -26.83 -27.75 -12.82
C ASP B 342 -25.68 -26.77 -13.06
N LEU B 343 -25.57 -26.27 -14.28
CA LEU B 343 -24.59 -25.27 -14.66
C LEU B 343 -25.21 -23.88 -14.78
N SER B 344 -26.31 -23.62 -14.09
CA SER B 344 -27.00 -22.34 -14.22
C SER B 344 -26.15 -21.19 -13.68
N SER B 345 -25.32 -21.45 -12.67
CA SER B 345 -24.48 -20.39 -12.10
C SER B 345 -23.45 -19.85 -13.09
N LEU B 346 -23.10 -20.61 -14.12
CA LEU B 346 -22.12 -20.18 -15.09
C LEU B 346 -22.59 -18.92 -15.80
N GLN B 347 -21.77 -17.86 -15.77
CA GLN B 347 -22.01 -16.58 -16.40
C GLN B 347 -21.08 -16.27 -17.56
N VAL B 348 -19.76 -16.46 -17.39
CA VAL B 348 -18.81 -16.07 -18.42
C VAL B 348 -17.79 -17.20 -18.62
N VAL B 349 -17.49 -17.50 -19.87
CA VAL B 349 -16.45 -18.45 -20.20
C VAL B 349 -15.45 -17.76 -21.13
N GLN B 350 -14.20 -17.70 -20.68
CA GLN B 350 -13.13 -17.26 -21.55
C GLN B 350 -12.70 -18.43 -22.42
N VAL B 351 -12.36 -18.14 -23.67
CA VAL B 351 -11.75 -19.12 -24.55
C VAL B 351 -10.65 -18.44 -25.33
N GLY B 352 -9.44 -18.99 -25.24
CA GLY B 352 -8.30 -18.44 -25.95
C GLY B 352 -7.24 -19.52 -26.07
N GLY B 353 -6.11 -19.11 -26.63
CA GLY B 353 -4.93 -19.94 -26.68
C GLY B 353 -4.65 -20.55 -28.03
N ALA B 354 -5.65 -20.58 -28.91
CA ALA B 354 -5.65 -21.37 -30.14
C ALA B 354 -6.87 -20.95 -30.95
N LYS B 355 -6.89 -21.36 -32.22
CA LYS B 355 -7.98 -20.98 -33.11
C LYS B 355 -9.31 -21.50 -32.58
N LEU B 356 -10.23 -20.59 -32.27
CA LEU B 356 -11.61 -20.91 -31.94
C LEU B 356 -12.49 -20.68 -33.17
N LEU B 357 -13.11 -21.74 -33.65
CA LEU B 357 -13.97 -21.61 -34.81
C LEU B 357 -15.27 -20.89 -34.43
N PRO B 358 -15.77 -19.99 -35.28
CA PRO B 358 -17.12 -19.44 -35.04
C PRO B 358 -18.15 -20.50 -34.74
N SER B 359 -18.10 -21.65 -35.43
CA SER B 359 -19.09 -22.71 -35.18
C SER B 359 -19.01 -23.23 -33.75
N LEU B 360 -17.81 -23.36 -33.20
CA LEU B 360 -17.70 -23.81 -31.81
C LEU B 360 -18.08 -22.69 -30.83
N ALA B 361 -17.63 -21.46 -31.10
CA ALA B 361 -18.04 -20.32 -30.30
C ALA B 361 -19.55 -20.28 -30.12
N GLU B 362 -20.28 -20.61 -31.20
CA GLU B 362 -21.73 -20.58 -31.15
C GLU B 362 -22.30 -21.75 -30.35
N GLN B 363 -21.66 -22.92 -30.44
CA GLN B 363 -22.11 -24.05 -29.62
C GLN B 363 -21.89 -23.76 -28.14
N ILE B 364 -20.78 -23.09 -27.79
CA ILE B 364 -20.50 -22.77 -26.39
C ILE B 364 -21.53 -21.79 -25.83
N ILE B 365 -21.78 -20.70 -26.57
CA ILE B 365 -22.85 -19.77 -26.17
C ILE B 365 -24.17 -20.51 -26.01
N ASP B 366 -24.48 -21.42 -26.95
CA ASP B 366 -25.80 -22.06 -26.97
C ASP B 366 -25.90 -23.18 -25.93
N THR B 367 -24.89 -24.04 -25.86
CA THR B 367 -25.01 -25.19 -24.97
C THR B 367 -24.77 -24.80 -23.52
N LEU B 368 -23.81 -23.91 -23.26
CA LEU B 368 -23.58 -23.48 -21.88
C LEU B 368 -24.47 -22.30 -21.48
N GLN B 369 -25.05 -21.58 -22.44
CA GLN B 369 -25.89 -20.41 -22.14
C GLN B 369 -25.11 -19.41 -21.30
N VAL B 370 -23.93 -19.06 -21.79
CA VAL B 370 -23.06 -18.12 -21.12
C VAL B 370 -22.81 -16.96 -22.06
N LYS B 371 -22.13 -15.93 -21.53
CA LYS B 371 -21.51 -14.91 -22.35
C LYS B 371 -20.11 -15.40 -22.70
N LEU B 372 -19.89 -15.72 -23.97
CA LEU B 372 -18.55 -16.07 -24.42
C LEU B 372 -17.68 -14.81 -24.46
N GLN B 373 -16.44 -14.95 -23.98
CA GLN B 373 -15.49 -13.85 -23.98
C GLN B 373 -14.20 -14.39 -24.56
N GLN B 374 -13.99 -14.14 -25.85
CA GLN B 374 -12.76 -14.60 -26.50
C GLN B 374 -11.58 -13.76 -26.01
N VAL B 375 -10.46 -14.46 -25.77
CA VAL B 375 -9.27 -13.89 -25.15
C VAL B 375 -8.09 -14.31 -26.03
N TYR B 376 -7.56 -13.37 -26.83
CA TYR B 376 -6.34 -13.60 -27.61
C TYR B 376 -5.16 -12.88 -26.93
N GLY B 377 -4.24 -13.67 -26.38
CA GLY B 377 -3.09 -13.11 -25.69
C GLY B 377 -1.79 -13.88 -25.87
N MET B 378 -0.76 -13.55 -25.11
CA MET B 378 0.54 -14.16 -25.26
C MET B 378 1.39 -13.79 -24.06
N ALA B 379 2.24 -14.73 -23.65
CA ALA B 379 3.10 -14.51 -22.48
C ALA B 379 3.99 -13.30 -22.67
N GLU B 380 4.32 -12.95 -23.91
CA GLU B 380 5.21 -11.80 -24.13
C GLU B 380 4.52 -10.47 -23.85
N GLY B 381 3.20 -10.45 -23.66
CA GLY B 381 2.52 -9.21 -23.32
C GLY B 381 1.07 -9.11 -23.73
N LEU B 382 0.84 -8.63 -24.94
CA LEU B 382 -0.49 -8.23 -25.38
C LEU B 382 -1.55 -9.27 -25.08
N VAL B 383 -2.64 -8.82 -24.47
CA VAL B 383 -3.85 -9.61 -24.34
C VAL B 383 -5.05 -8.79 -24.82
N ASN B 384 -5.94 -9.42 -25.59
CA ASN B 384 -7.18 -8.82 -26.06
C ASN B 384 -8.37 -9.60 -25.52
N PHE B 385 -9.41 -8.91 -25.07
CA PHE B 385 -10.66 -9.55 -24.68
C PHE B 385 -11.81 -8.98 -25.51
N THR B 386 -12.81 -9.81 -25.79
CA THR B 386 -14.13 -9.29 -26.12
C THR B 386 -14.83 -8.83 -24.84
N HIS B 387 -15.73 -7.88 -24.98
CA HIS B 387 -16.38 -7.25 -23.83
C HIS B 387 -17.74 -7.86 -23.52
N LEU B 388 -18.08 -7.87 -22.22
CA LEU B 388 -19.31 -8.51 -21.78
C LEU B 388 -20.57 -7.84 -22.33
N ASP B 389 -20.48 -6.59 -22.80
CA ASP B 389 -21.63 -5.94 -23.42
C ASP B 389 -21.54 -5.91 -24.96
N ASP B 390 -20.70 -6.75 -25.54
CA ASP B 390 -20.63 -6.90 -26.98
C ASP B 390 -21.79 -7.78 -27.46
N SER B 391 -22.20 -7.58 -28.71
CA SER B 391 -23.15 -8.48 -29.34
C SER B 391 -22.65 -9.91 -29.26
N ASP B 392 -23.59 -10.86 -29.26
CA ASP B 392 -23.22 -12.26 -29.36
C ASP B 392 -22.33 -12.52 -30.57
N GLN B 393 -22.63 -11.84 -31.69
CA GLN B 393 -21.91 -12.14 -32.92
C GLN B 393 -20.46 -11.68 -32.87
N ILE B 394 -20.18 -10.60 -32.14
CA ILE B 394 -18.81 -10.12 -31.99
C ILE B 394 -17.98 -11.09 -31.16
N THR B 395 -18.52 -11.59 -30.05
CA THR B 395 -17.84 -12.61 -29.27
C THR B 395 -17.64 -13.89 -30.06
N ILE B 396 -18.42 -14.08 -31.13
CA ILE B 396 -18.33 -15.28 -31.96
C ILE B 396 -17.27 -15.13 -33.04
N GLN B 397 -17.12 -13.93 -33.60
CA GLN B 397 -16.27 -13.72 -34.77
C GLN B 397 -14.94 -13.03 -34.47
N THR B 398 -14.71 -12.49 -33.29
CA THR B 398 -13.46 -11.77 -33.06
C THR B 398 -12.92 -12.13 -31.69
N GLN B 399 -11.69 -11.68 -31.45
CA GLN B 399 -11.06 -11.85 -30.14
C GLN B 399 -10.96 -10.52 -29.39
N GLY B 400 -11.59 -9.45 -29.88
CA GLY B 400 -11.83 -8.28 -29.08
C GLY B 400 -10.78 -7.18 -29.07
N LYS B 401 -10.71 -6.49 -27.94
CA LYS B 401 -9.98 -5.24 -27.80
C LYS B 401 -8.80 -5.39 -26.86
N LYS B 402 -7.70 -4.73 -27.24
CA LYS B 402 -6.48 -4.70 -26.44
C LYS B 402 -6.77 -4.20 -25.04
N LEU B 403 -6.07 -4.75 -24.05
CA LEU B 403 -6.32 -4.35 -22.67
C LEU B 403 -6.16 -2.84 -22.47
N SER B 404 -5.06 -2.27 -22.94
CA SER B 404 -4.69 -0.91 -22.56
C SER B 404 -4.91 0.06 -23.71
N HIS B 405 -5.34 1.27 -23.36
CA HIS B 405 -5.41 2.31 -24.38
C HIS B 405 -4.02 2.69 -24.90
N LEU B 406 -2.95 2.28 -24.22
CA LEU B 406 -1.60 2.50 -24.72
C LEU B 406 -0.98 1.27 -25.39
N ASP B 407 -1.69 0.13 -25.42
CA ASP B 407 -1.30 -0.97 -26.32
C ASP B 407 -1.35 -0.46 -27.76
N GLU B 408 -0.33 -0.77 -28.55
CA GLU B 408 -0.32 -0.45 -29.97
C GLU B 408 -0.29 -1.76 -30.74
N ILE B 409 -1.28 -1.97 -31.60
CA ILE B 409 -1.30 -3.10 -32.52
C ILE B 409 -1.12 -2.55 -33.93
N ARG B 410 -0.09 -3.03 -34.60
CA ARG B 410 0.17 -2.69 -36.00
C ARG B 410 0.01 -3.96 -36.82
N ILE B 411 -0.83 -3.89 -37.84
CA ILE B 411 -0.99 -4.95 -38.82
C ILE B 411 -0.01 -4.64 -39.95
N ALA B 412 0.99 -5.49 -40.13
CA ALA B 412 2.17 -5.15 -40.90
C ALA B 412 2.14 -5.82 -42.27
N ASP B 413 2.50 -5.04 -43.30
CA ASP B 413 2.67 -5.58 -44.63
C ASP B 413 3.91 -6.47 -44.67
N GLN B 414 4.12 -7.09 -45.83
CA GLN B 414 5.34 -7.86 -46.04
C GLN B 414 6.59 -7.00 -45.91
N ASP B 415 6.44 -5.68 -45.87
CA ASP B 415 7.56 -4.77 -45.68
C ASP B 415 7.68 -4.26 -44.25
N GLY B 416 6.59 -4.27 -43.48
CA GLY B 416 6.59 -3.68 -42.15
C GLY B 416 5.67 -2.48 -41.99
N ASN B 417 5.19 -1.91 -43.09
CA ASN B 417 4.34 -0.73 -43.01
C ASN B 417 2.96 -1.09 -42.50
N ALA B 418 2.47 -0.33 -41.52
CA ALA B 418 1.16 -0.60 -40.97
C ALA B 418 0.12 -0.68 -42.08
N LEU B 419 -0.83 -1.61 -41.92
CA LEU B 419 -1.91 -1.74 -42.87
C LEU B 419 -3.16 -1.01 -42.36
N PRO B 420 -4.14 -0.77 -43.22
CA PRO B 420 -5.38 -0.14 -42.76
C PRO B 420 -6.32 -1.15 -42.12
N ILE B 421 -7.36 -0.61 -41.49
CA ILE B 421 -8.45 -1.41 -40.94
C ILE B 421 -8.95 -2.38 -42.01
N ASN B 422 -9.40 -3.56 -41.59
CA ASN B 422 -10.01 -4.57 -42.46
C ASN B 422 -9.03 -5.22 -43.44
N ALA B 423 -7.72 -5.07 -43.24
CA ALA B 423 -6.71 -5.67 -44.11
C ALA B 423 -5.85 -6.65 -43.32
N ILE B 424 -5.57 -7.80 -43.92
CA ILE B 424 -4.95 -8.91 -43.19
C ILE B 424 -3.43 -8.79 -43.27
N GLY B 425 -2.74 -9.12 -42.17
CA GLY B 425 -1.30 -9.00 -42.14
C GLY B 425 -0.67 -9.53 -40.85
N HIS B 426 0.58 -9.13 -40.62
CA HIS B 426 1.35 -9.62 -39.48
C HIS B 426 1.04 -8.78 -38.24
N ILE B 427 0.50 -9.43 -37.21
CA ILE B 427 0.15 -8.74 -35.99
C ILE B 427 1.43 -8.43 -35.23
N GLN B 428 1.74 -7.14 -35.10
CA GLN B 428 2.86 -6.67 -34.31
C GLN B 428 2.31 -5.83 -33.17
N THR B 429 3.06 -5.77 -32.08
CA THR B 429 2.49 -5.07 -30.94
C THR B 429 3.59 -4.54 -30.04
N ARG B 430 3.32 -3.40 -29.41
CA ARG B 430 4.12 -2.94 -28.29
C ARG B 430 3.20 -2.16 -27.38
N GLY B 431 3.58 -2.10 -26.10
CA GLY B 431 2.75 -1.44 -25.12
C GLY B 431 3.30 -1.51 -23.72
N PRO B 432 2.49 -1.07 -22.75
CA PRO B 432 2.98 -0.91 -21.37
C PRO B 432 3.12 -2.21 -20.60
N TYR B 433 2.75 -3.36 -21.17
CA TYR B 433 3.00 -4.62 -20.50
C TYR B 433 3.51 -5.67 -21.47
N THR B 434 4.03 -5.24 -22.61
CA THR B 434 4.66 -6.13 -23.60
C THR B 434 6.18 -6.02 -23.49
N ILE B 435 6.87 -7.17 -23.48
CA ILE B 435 8.30 -7.16 -23.29
C ILE B 435 8.99 -6.46 -24.46
N ASN B 436 10.26 -6.10 -24.23
CA ASN B 436 11.10 -5.46 -25.23
C ASN B 436 12.28 -6.32 -25.65
N GLY B 437 12.50 -7.44 -24.97
CA GLY B 437 13.46 -8.44 -25.39
C GLY B 437 13.22 -9.70 -24.59
N TYR B 438 13.47 -10.85 -25.18
CA TYR B 438 13.57 -12.04 -24.36
C TYR B 438 14.76 -11.89 -23.42
N TYR B 439 14.71 -12.58 -22.30
CA TYR B 439 15.78 -12.49 -21.33
C TYR B 439 17.06 -13.12 -21.89
N ASN B 440 18.16 -12.36 -21.86
CA ASN B 440 19.48 -12.92 -22.13
C ASN B 440 19.52 -13.66 -23.47
N LEU B 441 18.88 -13.07 -24.48
CA LEU B 441 18.79 -13.66 -25.81
C LEU B 441 19.08 -12.60 -26.89
N PRO B 442 20.29 -12.03 -26.89
CA PRO B 442 20.55 -10.90 -27.82
C PRO B 442 20.33 -11.24 -29.29
N GLU B 443 20.90 -12.35 -29.79
CA GLU B 443 20.77 -12.65 -31.22
C GLU B 443 19.32 -12.94 -31.61
N ILE B 444 18.56 -13.65 -30.77
CA ILE B 444 17.16 -13.88 -31.10
C ILE B 444 16.37 -12.57 -31.09
N ASN B 445 16.78 -11.59 -30.26
CA ASN B 445 15.96 -10.39 -30.10
C ASN B 445 16.06 -9.47 -31.31
N GLN B 446 17.15 -9.54 -32.08
CA GLN B 446 17.26 -8.68 -33.25
C GLN B 446 16.26 -9.07 -34.35
N ARG B 447 15.74 -10.29 -34.32
CA ARG B 447 14.76 -10.71 -35.30
C ARG B 447 13.36 -10.88 -34.73
N ALA B 448 13.24 -11.08 -33.41
CA ALA B 448 11.94 -11.18 -32.77
C ALA B 448 11.29 -9.82 -32.52
N PHE B 449 12.05 -8.72 -32.61
CA PHE B 449 11.55 -7.36 -32.37
C PHE B 449 11.89 -6.46 -33.55
N THR B 450 10.92 -5.65 -33.98
CA THR B 450 11.17 -4.72 -35.09
C THR B 450 12.14 -3.61 -34.67
N GLN B 451 12.45 -2.75 -35.65
CA GLN B 451 13.35 -1.63 -35.41
C GLN B 451 12.79 -0.66 -34.38
N ASP B 452 11.48 -0.40 -34.43
CA ASP B 452 10.84 0.51 -33.48
C ASP B 452 10.33 -0.21 -32.24
N GLY B 453 10.80 -1.41 -31.97
CA GLY B 453 10.49 -2.05 -30.71
C GLY B 453 9.12 -2.68 -30.62
N PHE B 454 8.54 -3.09 -31.74
CA PHE B 454 7.31 -3.85 -31.76
C PHE B 454 7.65 -5.33 -31.73
N TYR B 455 7.02 -6.06 -30.81
CA TYR B 455 7.14 -7.51 -30.76
C TYR B 455 6.37 -8.14 -31.91
N LYS B 456 7.00 -9.09 -32.60
CA LYS B 456 6.38 -9.77 -33.74
C LYS B 456 5.74 -11.07 -33.25
N THR B 457 4.41 -11.09 -33.18
CA THR B 457 3.71 -12.20 -32.55
C THR B 457 3.89 -13.50 -33.33
N GLY B 458 4.05 -13.42 -34.64
CA GLY B 458 3.95 -14.59 -35.48
C GLY B 458 2.54 -14.93 -35.92
N ASP B 459 1.54 -14.19 -35.43
CA ASP B 459 0.16 -14.41 -35.78
C ASP B 459 -0.26 -13.53 -36.95
N ILE B 460 -1.24 -14.02 -37.69
CA ILE B 460 -1.78 -13.33 -38.85
C ILE B 460 -3.21 -12.91 -38.51
N GLY B 461 -3.61 -11.76 -39.04
CA GLY B 461 -4.98 -11.32 -38.86
C GLY B 461 -5.13 -9.85 -39.23
N TYR B 462 -6.24 -9.27 -38.80
CA TYR B 462 -6.56 -7.90 -39.13
C TYR B 462 -7.33 -7.24 -37.99
N LEU B 463 -7.57 -5.95 -38.14
CA LEU B 463 -8.46 -5.21 -37.25
C LEU B 463 -9.68 -4.77 -38.05
N ASP B 464 -10.87 -4.98 -37.47
CA ASP B 464 -12.11 -4.69 -38.19
C ASP B 464 -12.58 -3.26 -37.89
N GLU B 465 -13.73 -2.89 -38.45
CA GLU B 465 -14.24 -1.52 -38.36
C GLU B 465 -14.25 -1.03 -36.92
N ASN B 466 -14.74 -1.84 -35.99
CA ASN B 466 -14.86 -1.43 -34.60
C ASN B 466 -13.56 -1.59 -33.80
N LEU B 467 -12.43 -1.74 -34.48
CA LEU B 467 -11.11 -1.95 -33.86
C LEU B 467 -11.02 -3.26 -33.08
N ASN B 468 -11.91 -4.21 -33.32
CA ASN B 468 -11.73 -5.56 -32.77
C ASN B 468 -10.69 -6.30 -33.60
N ILE B 469 -9.88 -7.12 -32.94
CA ILE B 469 -8.88 -7.92 -33.65
C ILE B 469 -9.49 -9.24 -34.07
N VAL B 470 -9.07 -9.73 -35.22
CA VAL B 470 -9.55 -11.00 -35.77
C VAL B 470 -8.34 -11.82 -36.18
N VAL B 471 -8.07 -12.91 -35.46
CA VAL B 471 -6.94 -13.78 -35.77
C VAL B 471 -7.40 -14.78 -36.83
N THR B 472 -6.92 -14.60 -38.06
CA THR B 472 -7.24 -15.48 -39.16
C THR B 472 -6.17 -16.53 -39.38
N GLY B 473 -5.05 -16.45 -38.65
CA GLY B 473 -4.03 -17.47 -38.60
C GLY B 473 -3.82 -18.27 -39.87
N ARG B 474 -3.67 -19.59 -39.72
CA ARG B 474 -3.44 -20.46 -40.88
C ARG B 474 -4.03 -21.87 -40.69
N ILE B 486 8.13 -30.86 -38.10
CA ILE B 486 8.64 -29.70 -38.82
C ILE B 486 7.92 -28.42 -38.39
N THR B 487 8.68 -27.46 -37.88
CA THR B 487 8.11 -26.20 -37.38
C THR B 487 7.92 -25.21 -38.54
N PRO B 488 6.68 -24.83 -38.86
CA PRO B 488 6.48 -23.98 -40.06
C PRO B 488 7.07 -22.58 -39.95
N SER B 489 7.41 -22.11 -38.75
CA SER B 489 8.06 -20.82 -38.61
C SER B 489 9.54 -20.88 -39.00
N GLU B 490 10.17 -22.05 -38.88
CA GLU B 490 11.60 -22.18 -39.18
C GLU B 490 11.90 -22.10 -40.67
N GLU B 492 11.34 -21.44 -43.82
CA GLU B 492 10.54 -20.24 -43.70
C GLU B 492 11.31 -18.98 -44.10
N GLU B 493 12.61 -19.14 -44.35
CA GLU B 493 13.42 -18.06 -44.90
C GLU B 493 13.23 -17.90 -46.41
N PHE B 494 12.62 -18.88 -47.06
CA PHE B 494 12.31 -18.82 -48.49
C PHE B 494 11.82 -17.44 -48.94
N LYS B 502 7.91 -12.76 -51.16
CA LYS B 502 7.03 -12.56 -50.01
C LYS B 502 5.85 -13.56 -50.01
N ASP B 503 6.05 -14.73 -49.38
CA ASP B 503 5.07 -15.81 -49.39
C ASP B 503 5.00 -16.46 -48.00
N VAL B 504 4.17 -17.50 -47.89
CA VAL B 504 3.95 -18.21 -46.63
C VAL B 504 3.92 -19.71 -46.89
N CYS B 505 4.00 -20.48 -45.81
CA CYS B 505 4.02 -21.93 -45.90
C CYS B 505 3.04 -22.53 -44.89
N ASP B 512 -1.68 -37.06 -48.47
CA ASP B 512 -2.76 -37.93 -48.99
C ASP B 512 -2.35 -39.39 -48.88
N TYR B 513 -1.07 -39.66 -49.17
CA TYR B 513 -0.46 -40.98 -49.00
C TYR B 513 0.65 -40.99 -47.96
N LEU B 514 1.52 -39.99 -47.98
CA LEU B 514 2.63 -39.86 -47.01
C LEU B 514 2.23 -38.99 -45.82
N GLU B 516 1.13 -35.90 -44.28
CA GLU B 516 1.17 -34.44 -44.43
C GLU B 516 2.37 -34.00 -45.27
N ARG B 517 2.23 -32.88 -45.97
CA ARG B 517 3.26 -32.38 -46.87
C ARG B 517 3.52 -30.90 -46.58
N ILE B 518 4.43 -30.30 -47.36
CA ILE B 518 4.90 -28.93 -47.14
C ILE B 518 4.62 -28.10 -48.40
N LYS B 519 4.18 -26.86 -48.21
CA LYS B 519 3.94 -25.95 -49.33
C LYS B 519 4.26 -24.51 -48.97
N PRO B 524 5.11 -14.66 -54.78
CA PRO B 524 5.25 -13.20 -54.81
C PRO B 524 6.24 -12.72 -55.88
N LYS B 525 6.98 -11.66 -55.58
CA LYS B 525 7.91 -11.07 -56.54
C LYS B 525 9.34 -11.02 -55.99
N LEU B 533 10.35 -22.54 -59.54
CA LEU B 533 9.68 -23.43 -58.59
C LEU B 533 10.67 -24.04 -57.60
N LYS B 534 11.28 -25.16 -57.99
CA LYS B 534 12.14 -25.92 -57.09
C LYS B 534 13.61 -25.51 -57.20
N ASN B 535 13.87 -24.23 -57.48
CA ASN B 535 15.23 -23.72 -57.33
C ASN B 535 15.53 -23.36 -55.88
N ILE B 536 14.48 -23.03 -55.11
CA ILE B 536 14.66 -22.67 -53.71
C ILE B 536 15.15 -23.86 -52.89
N ARG B 537 14.72 -25.08 -53.26
CA ARG B 537 15.19 -26.24 -52.53
C ARG B 537 16.72 -26.31 -52.54
N LYS B 538 17.36 -25.89 -53.64
CA LYS B 538 18.82 -25.81 -53.64
C LYS B 538 19.31 -24.69 -52.72
N PHE B 539 18.59 -23.57 -52.72
CA PHE B 539 18.87 -22.51 -51.75
C PHE B 539 18.61 -22.96 -50.32
N LEU B 540 17.83 -24.03 -50.13
CA LEU B 540 17.56 -24.54 -48.79
C LEU B 540 18.70 -25.39 -48.28
N ILE B 541 19.15 -26.37 -49.09
CA ILE B 541 20.24 -27.25 -48.67
C ILE B 541 21.48 -26.46 -48.27
N SER B 542 21.62 -25.22 -48.75
CA SER B 542 22.81 -24.43 -48.44
C SER B 542 23.05 -24.34 -46.94
N LYS B 543 22.04 -23.91 -46.19
CA LYS B 543 22.15 -23.73 -44.75
C LYS B 543 21.29 -24.78 -44.05
N ASN B 544 21.83 -25.35 -42.98
CA ASN B 544 21.06 -26.27 -42.15
C ASN B 544 20.49 -27.43 -42.98
N HIS B 547 17.71 -31.95 -46.03
CA HIS B 547 17.01 -33.05 -46.67
C HIS B 547 15.54 -33.10 -46.24
N PHE B 548 15.25 -33.79 -45.14
CA PHE B 548 13.87 -33.93 -44.68
C PHE B 548 13.33 -32.60 -44.15
N LYS B 549 12.01 -32.45 -44.19
CA LYS B 549 11.33 -31.22 -43.76
C LYS B 549 11.71 -30.02 -44.62
N ILE B 550 12.01 -30.25 -45.90
CA ILE B 550 12.29 -29.17 -46.85
C ILE B 550 11.08 -28.97 -47.75
N PRO B 551 10.76 -27.72 -48.12
CA PRO B 551 9.54 -27.46 -48.91
C PRO B 551 9.37 -28.41 -50.09
N ASP B 552 8.28 -29.17 -50.09
CA ASP B 552 8.01 -30.18 -51.11
C ASP B 552 7.00 -29.72 -52.16
N GLU B 553 6.59 -28.44 -52.12
CA GLU B 553 5.62 -27.92 -53.08
C GLU B 553 5.73 -26.40 -53.14
N ILE B 554 5.53 -25.85 -54.33
CA ILE B 554 5.60 -24.41 -54.53
C ILE B 554 4.77 -24.00 -55.73
N VAL B 556 4.85 -20.05 -57.21
CA VAL B 556 3.68 -19.22 -56.95
C VAL B 556 2.60 -20.05 -56.25
N VAL B 557 2.74 -21.38 -56.33
CA VAL B 557 1.81 -22.30 -55.67
C VAL B 557 0.38 -22.01 -56.09
#